data_4OCD
# 
_entry.id   4OCD 
# 
_audit_conform.dict_name       mmcif_pdbx.dic 
_audit_conform.dict_version    5.387 
_audit_conform.dict_location   http://mmcif.pdb.org/dictionaries/ascii/mmcif_pdbx.dic 
# 
loop_
_database_2.database_id 
_database_2.database_code 
_database_2.pdbx_database_accession 
_database_2.pdbx_DOI 
PDB   4OCD         pdb_00004ocd 10.2210/pdb4ocd/pdb 
NDB   NA2876       ?            ?                   
RCSB  RCSB084314   ?            ?                   
WWPDB D_1000084314 ?            ?                   
# 
loop_
_pdbx_audit_revision_history.ordinal 
_pdbx_audit_revision_history.data_content_type 
_pdbx_audit_revision_history.major_revision 
_pdbx_audit_revision_history.minor_revision 
_pdbx_audit_revision_history.revision_date 
1 'Structure model' 1 0 2014-06-11 
2 'Structure model' 1 1 2024-02-28 
# 
_pdbx_audit_revision_details.ordinal             1 
_pdbx_audit_revision_details.revision_ordinal    1 
_pdbx_audit_revision_details.data_content_type   'Structure model' 
_pdbx_audit_revision_details.provider            repository 
_pdbx_audit_revision_details.type                'Initial release' 
_pdbx_audit_revision_details.description         ? 
_pdbx_audit_revision_details.details             ? 
# 
loop_
_pdbx_audit_revision_group.ordinal 
_pdbx_audit_revision_group.revision_ordinal 
_pdbx_audit_revision_group.data_content_type 
_pdbx_audit_revision_group.group 
1 2 'Structure model' 'Data collection'      
2 2 'Structure model' 'Database references'  
3 2 'Structure model' 'Derived calculations' 
# 
loop_
_pdbx_audit_revision_category.ordinal 
_pdbx_audit_revision_category.revision_ordinal 
_pdbx_audit_revision_category.data_content_type 
_pdbx_audit_revision_category.category 
1 2 'Structure model' chem_comp_atom 
2 2 'Structure model' chem_comp_bond 
3 2 'Structure model' database_2     
4 2 'Structure model' struct_site    
# 
loop_
_pdbx_audit_revision_item.ordinal 
_pdbx_audit_revision_item.revision_ordinal 
_pdbx_audit_revision_item.data_content_type 
_pdbx_audit_revision_item.item 
1 2 'Structure model' '_database_2.pdbx_DOI'                
2 2 'Structure model' '_database_2.pdbx_database_accession' 
3 2 'Structure model' '_struct_site.pdbx_auth_asym_id'      
4 2 'Structure model' '_struct_site.pdbx_auth_comp_id'      
5 2 'Structure model' '_struct_site.pdbx_auth_seq_id'       
# 
_pdbx_database_status.status_code                     REL 
_pdbx_database_status.entry_id                        4OCD 
_pdbx_database_status.recvd_initial_deposition_date   2014-01-08 
_pdbx_database_status.deposit_site                    RCSB 
_pdbx_database_status.process_site                    RCSB 
_pdbx_database_status.status_code_sf                  REL 
_pdbx_database_status.status_code_mr                  ? 
_pdbx_database_status.SG_entry                        ? 
_pdbx_database_status.status_code_cs                  ? 
_pdbx_database_status.methods_development_category    ? 
_pdbx_database_status.pdb_format_compatible           Y 
_pdbx_database_status.status_code_nmr_data            ? 
# 
loop_
_audit_author.name 
_audit_author.pdbx_ordinal 
'Acosta-Reyes, F.J.' 1 
'Dardonville, C.'    2 
'de Koning, H.P.'    3 
'Natto, M.'          4 
'Subirana, J.A.'     5 
'Campos, J.L.'       6 
# 
_citation.id                        primary 
_citation.title                     'In and out of the minor groove: interaction of an AT-rich DNA with the drug CD27' 
_citation.journal_abbrev            'Acta Crystallogr.,Sect.D' 
_citation.journal_volume            D70 
_citation.page_first                1614 
_citation.page_last                 1621 
_citation.year                      2014 
_citation.journal_id_ASTM           ABCRE6 
_citation.country                   DK 
_citation.journal_id_ISSN           0907-4449 
_citation.journal_id_CSD            0766 
_citation.book_publisher            ? 
_citation.pdbx_database_id_PubMed   24914972 
_citation.pdbx_database_id_DOI      10.1107/S139900471400697X 
# 
loop_
_citation_author.citation_id 
_citation_author.name 
_citation_author.ordinal 
_citation_author.identifier_ORCID 
primary 'Acosta-Reyes, F.J.' 1 ? 
primary 'Dardonville, C.'    2 ? 
primary 'de Koning, H.P.'    3 ? 
primary 'Natto, M.'          4 ? 
primary 'Subirana, J.A.'     5 ? 
primary 'Campos, J.L.'       6 ? 
# 
loop_
_entity.id 
_entity.type 
_entity.src_method 
_entity.pdbx_description 
_entity.formula_weight 
_entity.pdbx_number_of_molecules 
_entity.pdbx_ec 
_entity.pdbx_mutation 
_entity.pdbx_fragment 
_entity.details 
1 polymer     syn 'd(AAAATTTT)'                                                                                             
2424.641 3  ? ? ? ? 
2 non-polymer syn 'N1-(4,5-dihydro-1H-imidazol-2-yl)-N4-(4-((4,5-dihydro-1H-imidazol-2-yl)amino)phenyl)benzene-1,4-diamine' 
335.406  3  ? ? ? ? 
3 water       nat water                                                                                                     18.015 
64 ? ? ? ? 
# 
_entity_poly.entity_id                      1 
_entity_poly.type                           polydeoxyribonucleotide 
_entity_poly.nstd_linkage                   no 
_entity_poly.nstd_monomer                   no 
_entity_poly.pdbx_seq_one_letter_code       '(DA)(DA)(DA)(DA)(DT)(DT)(DT)(DT)' 
_entity_poly.pdbx_seq_one_letter_code_can   AAAATTTT 
_entity_poly.pdbx_strand_id                 A,B,C 
_entity_poly.pdbx_target_identifier         ? 
# 
loop_
_pdbx_entity_nonpoly.entity_id 
_pdbx_entity_nonpoly.name 
_pdbx_entity_nonpoly.comp_id 
2 'N1-(4,5-dihydro-1H-imidazol-2-yl)-N4-(4-((4,5-dihydro-1H-imidazol-2-yl)amino)phenyl)benzene-1,4-diamine' MWB 
3 water                                                                                                     HOH 
# 
loop_
_entity_poly_seq.entity_id 
_entity_poly_seq.num 
_entity_poly_seq.mon_id 
_entity_poly_seq.hetero 
1 1 DA n 
1 2 DA n 
1 3 DA n 
1 4 DA n 
1 5 DT n 
1 6 DT n 
1 7 DT n 
1 8 DT n 
# 
loop_
_chem_comp.id 
_chem_comp.type 
_chem_comp.mon_nstd_flag 
_chem_comp.name 
_chem_comp.pdbx_synonyms 
_chem_comp.formula 
_chem_comp.formula_weight 
DA  'DNA linking' y "2'-DEOXYADENOSINE-5'-MONOPHOSPHATE"                                                                      ?    
'C10 H14 N5 O6 P' 331.222 
DT  'DNA linking' y "THYMIDINE-5'-MONOPHOSPHATE"                                                                              ?    
'C10 H15 N2 O8 P' 322.208 
HOH non-polymer   . WATER                                                                                                     ?    
'H2 O'            18.015  
MWB non-polymer   . 'N1-(4,5-dihydro-1H-imidazol-2-yl)-N4-(4-((4,5-dihydro-1H-imidazol-2-yl)amino)phenyl)benzene-1,4-diamine' CD27 
'C18 H21 N7'      335.406 
# 
loop_
_pdbx_poly_seq_scheme.asym_id 
_pdbx_poly_seq_scheme.entity_id 
_pdbx_poly_seq_scheme.seq_id 
_pdbx_poly_seq_scheme.mon_id 
_pdbx_poly_seq_scheme.ndb_seq_num 
_pdbx_poly_seq_scheme.pdb_seq_num 
_pdbx_poly_seq_scheme.auth_seq_num 
_pdbx_poly_seq_scheme.pdb_mon_id 
_pdbx_poly_seq_scheme.auth_mon_id 
_pdbx_poly_seq_scheme.pdb_strand_id 
_pdbx_poly_seq_scheme.pdb_ins_code 
_pdbx_poly_seq_scheme.hetero 
A 1 1 DA 1 1 1 DA DA A . n 
A 1 2 DA 2 2 2 DA DA A . n 
A 1 3 DA 3 3 3 DA DA A . n 
A 1 4 DA 4 4 4 DA DA A . n 
A 1 5 DT 5 5 5 DT DT A . n 
A 1 6 DT 6 6 6 DT DT A . n 
A 1 7 DT 7 7 7 DT DT A . n 
A 1 8 DT 8 8 8 DT DT A . n 
B 1 1 DA 1 1 1 DA DA B . n 
B 1 2 DA 2 2 2 DA DA B . n 
B 1 3 DA 3 3 3 DA DA B . n 
B 1 4 DA 4 4 4 DA DA B . n 
B 1 5 DT 5 5 5 DT DT B . n 
B 1 6 DT 6 6 6 DT DT B . n 
B 1 7 DT 7 7 7 DT DT B . n 
B 1 8 DT 8 8 8 DT DT B . n 
C 1 1 DA 1 1 1 DA DA C . n 
C 1 2 DA 2 2 2 DA DA C . n 
C 1 3 DA 3 3 3 DA DA C . n 
C 1 4 DA 4 4 4 DA DA C . n 
C 1 5 DT 5 5 5 DT DT C . n 
C 1 6 DT 6 6 6 DT DT C . n 
C 1 7 DT 7 7 7 DT DT C . n 
C 1 8 DT 8 8 8 DT DT C . n 
# 
loop_
_pdbx_nonpoly_scheme.asym_id 
_pdbx_nonpoly_scheme.entity_id 
_pdbx_nonpoly_scheme.mon_id 
_pdbx_nonpoly_scheme.ndb_seq_num 
_pdbx_nonpoly_scheme.pdb_seq_num 
_pdbx_nonpoly_scheme.auth_seq_num 
_pdbx_nonpoly_scheme.pdb_mon_id 
_pdbx_nonpoly_scheme.auth_mon_id 
_pdbx_nonpoly_scheme.pdb_strand_id 
_pdbx_nonpoly_scheme.pdb_ins_code 
D 2 MWB 1  101 1  MWB MWB A . 
E 2 MWB 1  101 1  MWB MWB B . 
F 2 MWB 1  101 1  MWB MWB C . 
G 3 HOH 1  201 1  HOH HOH A . 
G 3 HOH 2  202 6  HOH HOH A . 
G 3 HOH 3  203 8  HOH HOH A . 
G 3 HOH 4  204 12 HOH HOH A . 
G 3 HOH 5  205 13 HOH HOH A . 
G 3 HOH 6  206 20 HOH HOH A . 
G 3 HOH 7  207 24 HOH HOH A . 
G 3 HOH 8  208 25 HOH HOH A . 
G 3 HOH 9  209 27 HOH HOH A . 
G 3 HOH 10 210 31 HOH HOH A . 
G 3 HOH 11 211 33 HOH HOH A . 
G 3 HOH 12 212 34 HOH HOH A . 
G 3 HOH 13 213 36 HOH HOH A . 
G 3 HOH 14 214 38 HOH HOH A . 
G 3 HOH 15 215 41 HOH HOH A . 
G 3 HOH 16 216 48 HOH HOH A . 
G 3 HOH 17 217 52 HOH HOH A . 
G 3 HOH 18 218 60 HOH HOH A . 
G 3 HOH 19 219 61 HOH HOH A . 
G 3 HOH 20 220 63 HOH HOH A . 
G 3 HOH 21 221 64 HOH HOH A . 
G 3 HOH 22 222 65 HOH HOH A . 
G 3 HOH 23 223 67 HOH HOH A . 
G 3 HOH 24 224 70 HOH HOH A . 
G 3 HOH 25 225 71 HOH HOH A . 
G 3 HOH 26 226 72 HOH HOH A . 
G 3 HOH 27 227 73 HOH HOH A . 
G 3 HOH 28 228 74 HOH HOH A . 
G 3 HOH 29 229 75 HOH HOH A . 
G 3 HOH 30 230 82 HOH HOH A . 
G 3 HOH 31 231 83 HOH HOH A . 
G 3 HOH 32 232 86 HOH HOH A . 
G 3 HOH 33 233 89 HOH HOH A . 
G 3 HOH 34 234 91 HOH HOH A . 
H 3 HOH 1  201 2  HOH HOH B . 
H 3 HOH 2  202 7  HOH HOH B . 
H 3 HOH 3  203 10 HOH HOH B . 
H 3 HOH 4  204 14 HOH HOH B . 
H 3 HOH 5  205 15 HOH HOH B . 
H 3 HOH 6  206 16 HOH HOH B . 
H 3 HOH 7  207 18 HOH HOH B . 
H 3 HOH 8  208 23 HOH HOH B . 
H 3 HOH 9  209 30 HOH HOH B . 
H 3 HOH 10 210 37 HOH HOH B . 
H 3 HOH 11 211 40 HOH HOH B . 
H 3 HOH 12 212 55 HOH HOH B . 
H 3 HOH 13 213 59 HOH HOH B . 
H 3 HOH 14 214 62 HOH HOH B . 
H 3 HOH 15 215 69 HOH HOH B . 
H 3 HOH 16 216 80 HOH HOH B . 
H 3 HOH 17 217 84 HOH HOH B . 
H 3 HOH 18 218 87 HOH HOH B . 
H 3 HOH 19 219 90 HOH HOH B . 
H 3 HOH 20 220 93 HOH HOH B . 
I 3 HOH 1  201 3  HOH HOH C . 
I 3 HOH 2  202 17 HOH HOH C . 
I 3 HOH 3  203 22 HOH HOH C . 
I 3 HOH 4  204 29 HOH HOH C . 
I 3 HOH 5  205 50 HOH HOH C . 
I 3 HOH 6  206 54 HOH HOH C . 
I 3 HOH 7  207 66 HOH HOH C . 
I 3 HOH 8  208 68 HOH HOH C . 
I 3 HOH 9  209 85 HOH HOH C . 
I 3 HOH 10 210 92 HOH HOH C . 
# 
loop_
_software.name 
_software.classification 
_software.version 
_software.citation_id 
_software.pdbx_ordinal 
PHASER phasing          .        ? 1 
REFMAC refinement       5.8.0049 ? 2 
XDS    'data reduction' .        ? 3 
SCALA  'data scaling'   .        ? 4 
# 
_cell.entry_id           4OCD 
_cell.length_a           78.013 
_cell.length_b           78.013 
_cell.length_c           91.552 
_cell.angle_alpha        90.00 
_cell.angle_beta         90.00 
_cell.angle_gamma        120.00 
_cell.Z_PDB              36 
_cell.pdbx_unique_axis   ? 
_cell.length_a_esd       ? 
_cell.length_b_esd       ? 
_cell.length_c_esd       ? 
_cell.angle_alpha_esd    ? 
_cell.angle_beta_esd     ? 
_cell.angle_gamma_esd    ? 
# 
_symmetry.entry_id                         4OCD 
_symmetry.space_group_name_H-M             'P 61 2 2' 
_symmetry.pdbx_full_space_group_name_H-M   ? 
_symmetry.cell_setting                     ? 
_symmetry.Int_Tables_number                178 
_symmetry.space_group_name_Hall            ? 
# 
_exptl.entry_id          4OCD 
_exptl.method            'X-RAY DIFFRACTION' 
_exptl.crystals_number   1 
# 
_exptl_crystal.id                    1 
_exptl_crystal.density_meas          ? 
_exptl_crystal.density_Matthews      ? 
_exptl_crystal.density_percent_sol   ? 
_exptl_crystal.description           ? 
_exptl_crystal.F_000                 ? 
_exptl_crystal.preparation           ? 
# 
_exptl_crystal_grow.crystal_id      1 
_exptl_crystal_grow.method          'VAPOR DIFFUSION, HANGING DROP' 
_exptl_crystal_grow.temp            288.15 
_exptl_crystal_grow.temp_details    ? 
_exptl_crystal_grow.pH              6.5 
_exptl_crystal_grow.pdbx_details    
;0.25 mM DNA duplex, 0.75 mM CD27,  40 mM  sodium cacodylate buffer pH 6.5, 8 mM  MnCl2 , 0.5 mM  spermine and 5% MPD equilibrated against a 30% MPD reservoir, VAPOR DIFFUSION, HANGING DROP, temperature 288.15 K
;
_exptl_crystal_grow.pdbx_pH_range   ? 
# 
_diffrn.id                     1 
_diffrn.ambient_temp           100 
_diffrn.ambient_temp_details   ? 
_diffrn.crystal_id             1 
# 
_diffrn_detector.diffrn_id              1 
_diffrn_detector.detector               PIXEL 
_diffrn_detector.type                   'DECTRIS PILATUS 6M' 
_diffrn_detector.pdbx_collection_date   2013-07-19 
_diffrn_detector.details                ? 
# 
_diffrn_radiation.diffrn_id                        1 
_diffrn_radiation.wavelength_id                    1 
_diffrn_radiation.pdbx_monochromatic_or_laue_m_l   M 
_diffrn_radiation.monochromator                    'Channel-cut Si(111), KB focusing mirrors' 
_diffrn_radiation.pdbx_diffrn_protocol             'SINGLE WAVELENGTH' 
_diffrn_radiation.pdbx_scattering_type             x-ray 
# 
_diffrn_radiation_wavelength.id           1 
_diffrn_radiation_wavelength.wavelength   0.97949 
_diffrn_radiation_wavelength.wt           1.0 
# 
_diffrn_source.diffrn_id                   1 
_diffrn_source.source                      SYNCHROTRON 
_diffrn_source.type                        'ALBA BEAMLINE XALOC' 
_diffrn_source.pdbx_synchrotron_site       ALBA 
_diffrn_source.pdbx_synchrotron_beamline   XALOC 
_diffrn_source.pdbx_wavelength             ? 
_diffrn_source.pdbx_wavelength_list        0.97949 
# 
_reflns.entry_id                     4OCD 
_reflns.observed_criterion_sigma_I   2 
_reflns.observed_criterion_sigma_F   2 
_reflns.d_resolution_low             39 
_reflns.d_resolution_high            2.1 
_reflns.number_obs                   10091 
_reflns.number_all                   ? 
_reflns.percent_possible_obs         99.8 
_reflns.pdbx_Rmerge_I_obs            0.036 
_reflns.pdbx_Rsym_value              0.036 
_reflns.pdbx_netI_over_sigmaI        30.2 
_reflns.B_iso_Wilson_estimate        59.64 
_reflns.pdbx_redundancy              11.4 
_reflns.R_free_details               ? 
_reflns.limit_h_max                  ? 
_reflns.limit_h_min                  ? 
_reflns.limit_k_max                  ? 
_reflns.limit_k_min                  ? 
_reflns.limit_l_max                  ? 
_reflns.limit_l_min                  ? 
_reflns.observed_criterion_F_max     ? 
_reflns.observed_criterion_F_min     ? 
_reflns.pdbx_chi_squared             ? 
_reflns.pdbx_scaling_rejects         ? 
_reflns.pdbx_ordinal                 1 
_reflns.pdbx_diffrn_id               1 
# 
loop_
_reflns_shell.d_res_high 
_reflns_shell.d_res_low 
_reflns_shell.percent_possible_all 
_reflns_shell.Rmerge_I_obs 
_reflns_shell.pdbx_Rsym_value 
_reflns_shell.meanI_over_sigI_obs 
_reflns_shell.pdbx_redundancy 
_reflns_shell.percent_possible_obs 
_reflns_shell.number_unique_all 
_reflns_shell.number_measured_all 
_reflns_shell.number_measured_obs 
_reflns_shell.number_unique_obs 
_reflns_shell.pdbx_chi_squared 
_reflns_shell.pdbx_ordinal 
_reflns_shell.pdbx_diffrn_id 
2.10 2.21  99.84  0.58 ? 3.00  6.85  ? 1433 ? ? ? ? 1  1 
2.21 2.35  100.00 0.49 ? 4.66  10.38 ? 1367 ? ? ? ? 2  1 
2.35 2.51  99.96  0.27 ? 9.12  13.05 ? 1290 ? ? ? ? 3  1 
2.51 2.71  99.90  0.15 ? 14.48 12.79 ? 1194 ? ? ? ? 4  1 
2.71 2.97  99.98  0.07 ? 27.70 12.87 ? 1115 ? ? ? ? 5  1 
2.97 3.32  99.42  0.03 ? 42.17 12.56 ? 1006 ? ? ? ? 6  1 
3.32 3.83  99.90  0.03 ? 64.47 12.46 ? 907  ? ? ? ? 7  1 
3.83 4.70  99.73  0.03 ? 74.68 12.00 ? 778  ? ? ? ? 8  1 
4.70 6.64  99.34  0.03 ? 75.19 11.83 ? 625  ? ? ? ? 9  1 
6.64 39.00 98.22  0.02 ? 74.71 10.1  ? 376  ? ? ? ? 10 1 
# 
_refine.entry_id                                 4OCD 
_refine.ls_number_reflns_obs                     9432 
_refine.ls_number_reflns_all                     ? 
_refine.pdbx_ls_sigma_I                          ? 
_refine.pdbx_ls_sigma_F                          . 
_refine.pdbx_data_cutoff_high_absF               ? 
_refine.pdbx_data_cutoff_low_absF                ? 
_refine.pdbx_data_cutoff_high_rms_absF           ? 
_refine.ls_d_res_low                             39 
_refine.ls_d_res_high                            2.10 
_refine.ls_percent_reflns_obs                    97.91 
_refine.ls_R_factor_obs                          0.23682 
_refine.ls_R_factor_all                          ? 
_refine.ls_R_factor_R_work                       0.23614 
_refine.ls_R_factor_R_free                       0.25103 
_refine.ls_R_factor_R_free_error                 ? 
_refine.ls_R_factor_R_free_error_details         ? 
_refine.ls_percent_reflns_R_free                 4.8 
_refine.ls_number_reflns_R_free                  480 
_refine.ls_number_parameters                     ? 
_refine.ls_number_restraints                     ? 
_refine.occupancy_min                            ? 
_refine.occupancy_max                            ? 
_refine.correlation_coeff_Fo_to_Fc               0.956 
_refine.correlation_coeff_Fo_to_Fc_free          0.968 
_refine.B_iso_mean                               60.320 
_refine.aniso_B[1][1]                            -3.21 
_refine.aniso_B[2][2]                            -3.21 
_refine.aniso_B[3][3]                            10.42 
_refine.aniso_B[1][2]                            -1.61 
_refine.aniso_B[1][3]                            0.00 
_refine.aniso_B[2][3]                            0.00 
_refine.solvent_model_details                    MASK 
_refine.solvent_model_param_ksol                 ? 
_refine.solvent_model_param_bsol                 ? 
_refine.pdbx_solvent_vdw_probe_radii             1.20 
_refine.pdbx_solvent_ion_probe_radii             0.80 
_refine.pdbx_solvent_shrinkage_radii             0.80 
_refine.pdbx_ls_cross_valid_method               THROUGHOUT 
_refine.details                                  'HYDROGENS HAVE BEEN ADDED IN THE RIDING POSITIONS' 
_refine.pdbx_starting_model                      ? 
_refine.pdbx_method_to_determine_struct          'MOLECULAR REPLACEMENT' 
_refine.pdbx_isotropic_thermal_model             ? 
_refine.pdbx_stereochemistry_target_values       'MAXIMUM LIKELIHOOD' 
_refine.pdbx_stereochem_target_val_spec_case     ? 
_refine.pdbx_R_Free_selection_details            RANDOM 
_refine.pdbx_overall_ESU_R                       0.152 
_refine.pdbx_overall_ESU_R_Free                  0.139 
_refine.overall_SU_ML                            ? 
_refine.pdbx_overall_phase_error                 ? 
_refine.overall_SU_B                             ? 
_refine.overall_SU_R_Cruickshank_DPI             ? 
_refine.ls_redundancy_reflns_obs                 ? 
_refine.B_iso_min                                ? 
_refine.B_iso_max                                ? 
_refine.overall_SU_R_free                        ? 
_refine.ls_wR_factor_R_free                      ? 
_refine.ls_wR_factor_R_work                      ? 
_refine.overall_FOM_free_R_set                   ? 
_refine.overall_FOM_work_R_set                   ? 
_refine.pdbx_diffrn_id                           1 
_refine.pdbx_refine_id                           'X-RAY DIFFRACTION' 
_refine.pdbx_TLS_residual_ADP_flag               ? 
_refine.pdbx_overall_SU_R_free_Cruickshank_DPI   ? 
_refine.pdbx_overall_SU_R_Blow_DPI               ? 
_refine.pdbx_overall_SU_R_free_Blow_DPI          ? 
# 
_refine_hist.pdbx_refine_id                   'X-RAY DIFFRACTION' 
_refine_hist.cycle_id                         LAST 
_refine_hist.pdbx_number_atoms_protein        0 
_refine_hist.pdbx_number_atoms_nucleic_acid   483 
_refine_hist.pdbx_number_atoms_ligand         75 
_refine_hist.number_atoms_solvent             64 
_refine_hist.number_atoms_total               622 
_refine_hist.d_res_high                       2.10 
_refine_hist.d_res_low                        39 
# 
loop_
_refine_ls_restr.type 
_refine_ls_restr.dev_ideal 
_refine_ls_restr.dev_ideal_target 
_refine_ls_restr.weight 
_refine_ls_restr.number 
_refine_ls_restr.pdbx_restraint_function 
_refine_ls_restr.pdbx_refine_id 
r_bond_refined_d             0.024  0.011  ? 635  ? 'X-RAY DIFFRACTION' 
r_bond_other_d               0.008  0.018  ? 348  ? 'X-RAY DIFFRACTION' 
r_angle_refined_deg          1.653  1.281  ? 939  ? 'X-RAY DIFFRACTION' 
r_angle_other_deg            7.222  3.000  ? 813  ? 'X-RAY DIFFRACTION' 
r_dihedral_angle_1_deg       ?      ?      ? ?    ? 'X-RAY DIFFRACTION' 
r_dihedral_angle_2_deg       ?      ?      ? ?    ? 'X-RAY DIFFRACTION' 
r_dihedral_angle_3_deg       ?      ?      ? ?    ? 'X-RAY DIFFRACTION' 
r_dihedral_angle_4_deg       ?      ?      ? ?    ? 'X-RAY DIFFRACTION' 
r_chiral_restr               0.069  0.200  ? 72   ? 'X-RAY DIFFRACTION' 
r_gen_planes_refined         0.008  0.020  ? 594  ? 'X-RAY DIFFRACTION' 
r_gen_planes_other           0.006  0.020  ? 126  ? 'X-RAY DIFFRACTION' 
r_nbd_refined                ?      ?      ? ?    ? 'X-RAY DIFFRACTION' 
r_nbd_other                  ?      ?      ? ?    ? 'X-RAY DIFFRACTION' 
r_nbtor_refined              ?      ?      ? ?    ? 'X-RAY DIFFRACTION' 
r_nbtor_other                ?      ?      ? ?    ? 'X-RAY DIFFRACTION' 
r_xyhbond_nbd_refined        ?      ?      ? ?    ? 'X-RAY DIFFRACTION' 
r_xyhbond_nbd_other          ?      ?      ? ?    ? 'X-RAY DIFFRACTION' 
r_metal_ion_refined          ?      ?      ? ?    ? 'X-RAY DIFFRACTION' 
r_metal_ion_other            ?      ?      ? ?    ? 'X-RAY DIFFRACTION' 
r_symmetry_vdw_refined       ?      ?      ? ?    ? 'X-RAY DIFFRACTION' 
r_symmetry_vdw_other         ?      ?      ? ?    ? 'X-RAY DIFFRACTION' 
r_symmetry_hbond_refined     ?      ?      ? ?    ? 'X-RAY DIFFRACTION' 
r_symmetry_hbond_other       ?      ?      ? ?    ? 'X-RAY DIFFRACTION' 
r_symmetry_metal_ion_refined ?      ?      ? ?    ? 'X-RAY DIFFRACTION' 
r_symmetry_metal_ion_other   ?      ?      ? ?    ? 'X-RAY DIFFRACTION' 
r_mcbond_it                  9.295  5.949  ? 4    ? 'X-RAY DIFFRACTION' 
r_mcbond_other               ?      ?      ? ?    ? 'X-RAY DIFFRACTION' 
r_mcangle_it                 ?      ?      ? ?    ? 'X-RAY DIFFRACTION' 
r_mcangle_other              ?      ?      ? ?    ? 'X-RAY DIFFRACTION' 
r_scbond_it                  7.309  6.208  ? 631  ? 'X-RAY DIFFRACTION' 
r_scbond_other               7.303  6.211  ? 632  ? 'X-RAY DIFFRACTION' 
r_scangle_it                 ?      ?      ? ?    ? 'X-RAY DIFFRACTION' 
r_scangle_other              10.895 9.310  ? 940  ? 'X-RAY DIFFRACTION' 
r_long_range_B_refined       13.348 59.013 ? 2600 ? 'X-RAY DIFFRACTION' 
r_long_range_B_other         13.424 58.974 ? 2548 ? 'X-RAY DIFFRACTION' 
r_rigid_bond_restr           ?      ?      ? ?    ? 'X-RAY DIFFRACTION' 
r_sphericity_free            ?      ?      ? ?    ? 'X-RAY DIFFRACTION' 
r_sphericity_bonded          ?      ?      ? ?    ? 'X-RAY DIFFRACTION' 
# 
_refine_ls_shell.pdbx_total_number_of_bins_used   20 
_refine_ls_shell.d_res_high                       2.100 
_refine_ls_shell.d_res_low                        2.154 
_refine_ls_shell.number_reflns_R_work             622 
_refine_ls_shell.R_factor_R_work                  0.437 
_refine_ls_shell.percent_reflns_obs               89.82 
_refine_ls_shell.R_factor_R_free                  0.455 
_refine_ls_shell.R_factor_R_free_error            ? 
_refine_ls_shell.percent_reflns_R_free            ? 
_refine_ls_shell.number_reflns_R_free             31 
_refine_ls_shell.number_reflns_all                ? 
_refine_ls_shell.R_factor_all                     ? 
_refine_ls_shell.number_reflns_obs                ? 
_refine_ls_shell.redundancy_reflns_obs            ? 
_refine_ls_shell.pdbx_refine_id                   'X-RAY DIFFRACTION' 
# 
_struct.entry_id                  4OCD 
_struct.title                     'In and Out the minor groove: Interaction of an AT rich-DNA with the CD27 drug' 
_struct.pdbx_model_details        ? 
_struct.pdbx_CASP_flag            ? 
_struct.pdbx_model_type_details   ? 
# 
_struct_keywords.entry_id        4OCD 
_struct_keywords.pdbx_keywords   DNA 
_struct_keywords.text            'DNA minor groove binding drugs, all-AT DNA, dicationic drug, imidazoline drug, DNA' 
# 
loop_
_struct_asym.id 
_struct_asym.pdbx_blank_PDB_chainid_flag 
_struct_asym.pdbx_modified 
_struct_asym.entity_id 
_struct_asym.details 
A N N 1 ? 
B N N 1 ? 
C N N 1 ? 
D N N 2 ? 
E N N 2 ? 
F N N 2 ? 
G N N 3 ? 
H N N 3 ? 
I N N 3 ? 
# 
_struct_ref.id                         1 
_struct_ref.db_name                    PDB 
_struct_ref.db_code                    4OCD 
_struct_ref.pdbx_db_accession          4OCD 
_struct_ref.entity_id                  1 
_struct_ref.pdbx_align_begin           ? 
_struct_ref.pdbx_seq_one_letter_code   AAAATTTT 
_struct_ref.pdbx_db_isoform            ? 
# 
loop_
_struct_ref_seq.align_id 
_struct_ref_seq.ref_id 
_struct_ref_seq.pdbx_PDB_id_code 
_struct_ref_seq.pdbx_strand_id 
_struct_ref_seq.seq_align_beg 
_struct_ref_seq.pdbx_seq_align_beg_ins_code 
_struct_ref_seq.seq_align_end 
_struct_ref_seq.pdbx_seq_align_end_ins_code 
_struct_ref_seq.pdbx_db_accession 
_struct_ref_seq.db_align_beg 
_struct_ref_seq.pdbx_db_align_beg_ins_code 
_struct_ref_seq.db_align_end 
_struct_ref_seq.pdbx_db_align_end_ins_code 
_struct_ref_seq.pdbx_auth_seq_align_beg 
_struct_ref_seq.pdbx_auth_seq_align_end 
1 1 4OCD A 1 ? 8 ? 4OCD 1 ? 8 ? 1 8 
2 1 4OCD B 1 ? 8 ? 4OCD 1 ? 8 ? 1 8 
3 1 4OCD C 1 ? 8 ? 4OCD 1 ? 8 ? 1 8 
# 
loop_
_pdbx_struct_assembly.id 
_pdbx_struct_assembly.details 
_pdbx_struct_assembly.method_details 
_pdbx_struct_assembly.oligomeric_details 
_pdbx_struct_assembly.oligomeric_count 
1 author_and_software_defined_assembly PISA dimeric 2 
2 author_and_software_defined_assembly PISA dimeric 2 
# 
loop_
_pdbx_struct_assembly_prop.biol_id 
_pdbx_struct_assembly_prop.type 
_pdbx_struct_assembly_prop.value 
_pdbx_struct_assembly_prop.details 
1 'ABSA (A^2)' 680  ? 
1 MORE         -6   ? 
1 'SSA (A^2)'  3160 ? 
2 'ABSA (A^2)' 680  ? 
2 MORE         -7   ? 
2 'SSA (A^2)'  3120 ? 
# 
loop_
_pdbx_struct_assembly_gen.assembly_id 
_pdbx_struct_assembly_gen.oper_expression 
_pdbx_struct_assembly_gen.asym_id_list 
1 1,2 A,D,G       
2 1   B,C,E,F,H,I 
# 
loop_
_pdbx_struct_oper_list.id 
_pdbx_struct_oper_list.type 
_pdbx_struct_oper_list.name 
_pdbx_struct_oper_list.symmetry_operation 
_pdbx_struct_oper_list.matrix[1][1] 
_pdbx_struct_oper_list.matrix[1][2] 
_pdbx_struct_oper_list.matrix[1][3] 
_pdbx_struct_oper_list.vector[1] 
_pdbx_struct_oper_list.matrix[2][1] 
_pdbx_struct_oper_list.matrix[2][2] 
_pdbx_struct_oper_list.matrix[2][3] 
_pdbx_struct_oper_list.vector[2] 
_pdbx_struct_oper_list.matrix[3][1] 
_pdbx_struct_oper_list.matrix[3][2] 
_pdbx_struct_oper_list.matrix[3][3] 
_pdbx_struct_oper_list.vector[3] 
1 'identity operation'         1_555  x,y,z        1.0000000000  0.0000000000 0.0000000000 0.0000000000   0.0000000000 1.0000000000 0.0000000000 0.0000000000 0.0000000000 0.0000000000 1.0000000000  0.0000000000 
2 'crystal symmetry operation' 12_555 x,x-y,-z+1/6 -0.9585987555 0.2529944757 0.1306989718 -32.3492784000 0.2529944757 0.5459971189 0.7986744903 0.5588904380 0.1306989718 0.7986744903 -0.5873983634 9.1653681317 
# 
_struct_biol.id        1 
_struct_biol.details   ? 
# 
loop_
_struct_conn.id 
_struct_conn.conn_type_id 
_struct_conn.pdbx_leaving_atom_flag 
_struct_conn.pdbx_PDB_id 
_struct_conn.ptnr1_label_asym_id 
_struct_conn.ptnr1_label_comp_id 
_struct_conn.ptnr1_label_seq_id 
_struct_conn.ptnr1_label_atom_id 
_struct_conn.pdbx_ptnr1_label_alt_id 
_struct_conn.pdbx_ptnr1_PDB_ins_code 
_struct_conn.pdbx_ptnr1_standard_comp_id 
_struct_conn.ptnr1_symmetry 
_struct_conn.ptnr2_label_asym_id 
_struct_conn.ptnr2_label_comp_id 
_struct_conn.ptnr2_label_seq_id 
_struct_conn.ptnr2_label_atom_id 
_struct_conn.pdbx_ptnr2_label_alt_id 
_struct_conn.pdbx_ptnr2_PDB_ins_code 
_struct_conn.ptnr1_auth_asym_id 
_struct_conn.ptnr1_auth_comp_id 
_struct_conn.ptnr1_auth_seq_id 
_struct_conn.ptnr2_auth_asym_id 
_struct_conn.ptnr2_auth_comp_id 
_struct_conn.ptnr2_auth_seq_id 
_struct_conn.ptnr2_symmetry 
_struct_conn.pdbx_ptnr3_label_atom_id 
_struct_conn.pdbx_ptnr3_label_seq_id 
_struct_conn.pdbx_ptnr3_label_comp_id 
_struct_conn.pdbx_ptnr3_label_asym_id 
_struct_conn.pdbx_ptnr3_label_alt_id 
_struct_conn.pdbx_ptnr3_PDB_ins_code 
_struct_conn.details 
_struct_conn.pdbx_dist_value 
_struct_conn.pdbx_value_order 
_struct_conn.pdbx_role 
hydrog1  hydrog ? ? B DA 1 N1 ? ? ? 1_555 C DT 8 N3 ? ? B DA 1 C DT 8 1_555  ? ? ? ? ? ? WATSON-CRICK ? ? ? 
hydrog2  hydrog ? ? B DA 1 N6 ? ? ? 1_555 C DT 8 O4 ? ? B DA 1 C DT 8 1_555  ? ? ? ? ? ? WATSON-CRICK ? ? ? 
hydrog3  hydrog ? ? B DA 2 N1 ? ? ? 1_555 C DT 7 N3 ? ? B DA 2 C DT 7 1_555  ? ? ? ? ? ? WATSON-CRICK ? ? ? 
hydrog4  hydrog ? ? B DA 2 N6 ? ? ? 1_555 C DT 7 O4 ? ? B DA 2 C DT 7 1_555  ? ? ? ? ? ? WATSON-CRICK ? ? ? 
hydrog5  hydrog ? ? B DA 3 N1 ? ? ? 1_555 C DT 6 N3 ? ? B DA 3 C DT 6 1_555  ? ? ? ? ? ? WATSON-CRICK ? ? ? 
hydrog6  hydrog ? ? B DA 3 N6 ? ? ? 1_555 C DT 6 O4 ? ? B DA 3 C DT 6 1_555  ? ? ? ? ? ? WATSON-CRICK ? ? ? 
hydrog7  hydrog ? ? B DA 4 N1 ? ? ? 1_555 C DT 5 N3 ? ? B DA 4 C DT 5 1_555  ? ? ? ? ? ? WATSON-CRICK ? ? ? 
hydrog8  hydrog ? ? B DA 4 N6 ? ? ? 1_555 C DT 5 O4 ? ? B DA 4 C DT 5 1_555  ? ? ? ? ? ? WATSON-CRICK ? ? ? 
hydrog9  hydrog ? ? B DT 5 N3 ? ? ? 1_555 C DA 4 N1 ? ? B DT 5 C DA 4 1_555  ? ? ? ? ? ? WATSON-CRICK ? ? ? 
hydrog10 hydrog ? ? B DT 5 O4 ? ? ? 1_555 C DA 4 N6 ? ? B DT 5 C DA 4 1_555  ? ? ? ? ? ? WATSON-CRICK ? ? ? 
hydrog11 hydrog ? ? B DT 6 N3 ? ? ? 1_555 C DA 3 N1 ? ? B DT 6 C DA 3 1_555  ? ? ? ? ? ? WATSON-CRICK ? ? ? 
hydrog12 hydrog ? ? B DT 6 O4 ? ? ? 1_555 C DA 3 N6 ? ? B DT 6 C DA 3 1_555  ? ? ? ? ? ? WATSON-CRICK ? ? ? 
hydrog13 hydrog ? ? B DT 7 N3 ? ? ? 1_555 C DA 2 N1 ? ? B DT 7 C DA 2 1_555  ? ? ? ? ? ? WATSON-CRICK ? ? ? 
hydrog14 hydrog ? ? B DT 7 O4 ? ? ? 1_555 C DA 2 N6 ? ? B DT 7 C DA 2 1_555  ? ? ? ? ? ? WATSON-CRICK ? ? ? 
hydrog15 hydrog ? ? B DT 8 N3 ? ? ? 1_555 C DA 1 N1 ? ? B DT 8 C DA 1 1_555  ? ? ? ? ? ? WATSON-CRICK ? ? ? 
hydrog16 hydrog ? ? B DT 8 O4 ? ? ? 1_555 C DA 1 N6 ? ? B DT 8 C DA 1 1_555  ? ? ? ? ? ? WATSON-CRICK ? ? ? 
hydrog17 hydrog ? ? A DA 1 N1 ? ? ? 1_555 A DT 8 N3 ? ? A DA 1 A DT 8 12_555 ? ? ? ? ? ? WATSON-CRICK ? ? ? 
hydrog18 hydrog ? ? A DA 1 N6 ? ? ? 1_555 A DT 8 O4 ? ? A DA 1 A DT 8 12_555 ? ? ? ? ? ? WATSON-CRICK ? ? ? 
hydrog19 hydrog ? ? A DA 2 N1 ? ? ? 1_555 A DT 7 N3 ? ? A DA 2 A DT 7 12_555 ? ? ? ? ? ? WATSON-CRICK ? ? ? 
hydrog20 hydrog ? ? A DA 2 N6 ? ? ? 1_555 A DT 7 O4 ? ? A DA 2 A DT 7 12_555 ? ? ? ? ? ? WATSON-CRICK ? ? ? 
hydrog21 hydrog ? ? A DA 3 N1 ? ? ? 1_555 A DT 6 N3 ? ? A DA 3 A DT 6 12_555 ? ? ? ? ? ? WATSON-CRICK ? ? ? 
hydrog22 hydrog ? ? A DA 3 N6 ? ? ? 1_555 A DT 6 O4 ? ? A DA 3 A DT 6 12_555 ? ? ? ? ? ? WATSON-CRICK ? ? ? 
hydrog23 hydrog ? ? A DA 4 N1 ? ? ? 1_555 A DT 5 N3 ? ? A DA 4 A DT 5 12_555 ? ? ? ? ? ? WATSON-CRICK ? ? ? 
hydrog24 hydrog ? ? A DA 4 N6 ? ? ? 1_555 A DT 5 O4 ? ? A DA 4 A DT 5 12_555 ? ? ? ? ? ? WATSON-CRICK ? ? ? 
hydrog25 hydrog ? ? A DT 5 N3 ? ? ? 1_555 A DA 4 N1 ? ? A DT 5 A DA 4 12_555 ? ? ? ? ? ? WATSON-CRICK ? ? ? 
hydrog26 hydrog ? ? A DT 5 O4 ? ? ? 1_555 A DA 4 N6 ? ? A DT 5 A DA 4 12_555 ? ? ? ? ? ? WATSON-CRICK ? ? ? 
hydrog27 hydrog ? ? A DT 6 N3 ? ? ? 1_555 A DA 3 N1 ? ? A DT 6 A DA 3 12_555 ? ? ? ? ? ? WATSON-CRICK ? ? ? 
hydrog28 hydrog ? ? A DT 6 O4 ? ? ? 1_555 A DA 3 N6 ? ? A DT 6 A DA 3 12_555 ? ? ? ? ? ? WATSON-CRICK ? ? ? 
hydrog29 hydrog ? ? A DT 7 N3 ? ? ? 1_555 A DA 2 N1 ? ? A DT 7 A DA 2 12_555 ? ? ? ? ? ? WATSON-CRICK ? ? ? 
hydrog30 hydrog ? ? A DT 7 O4 ? ? ? 1_555 A DA 2 N6 ? ? A DT 7 A DA 2 12_555 ? ? ? ? ? ? WATSON-CRICK ? ? ? 
hydrog31 hydrog ? ? A DT 8 N3 ? ? ? 1_555 A DA 1 N1 ? ? A DT 8 A DA 1 12_555 ? ? ? ? ? ? WATSON-CRICK ? ? ? 
hydrog32 hydrog ? ? A DT 8 O4 ? ? ? 1_555 A DA 1 N6 ? ? A DT 8 A DA 1 12_555 ? ? ? ? ? ? WATSON-CRICK ? ? ? 
# 
_struct_conn_type.id          hydrog 
_struct_conn_type.criteria    ? 
_struct_conn_type.reference   ? 
# 
loop_
_struct_site.id 
_struct_site.pdbx_evidence_code 
_struct_site.pdbx_auth_asym_id 
_struct_site.pdbx_auth_comp_id 
_struct_site.pdbx_auth_seq_id 
_struct_site.pdbx_auth_ins_code 
_struct_site.pdbx_num_residues 
_struct_site.details 
AC1 Software A MWB 101 ? 16 'BINDING SITE FOR RESIDUE MWB A 101' 
AC2 Software B MWB 101 ? 15 'BINDING SITE FOR RESIDUE MWB B 101' 
AC3 Software C MWB 101 ? 11 'BINDING SITE FOR RESIDUE MWB C 101' 
# 
loop_
_struct_site_gen.id 
_struct_site_gen.site_id 
_struct_site_gen.pdbx_num_res 
_struct_site_gen.label_comp_id 
_struct_site_gen.label_asym_id 
_struct_site_gen.label_seq_id 
_struct_site_gen.pdbx_auth_ins_code 
_struct_site_gen.auth_comp_id 
_struct_site_gen.auth_asym_id 
_struct_site_gen.auth_seq_id 
_struct_site_gen.label_atom_id 
_struct_site_gen.label_alt_id 
_struct_site_gen.symmetry 
_struct_site_gen.details 
1  AC1 16 DA  A 1 ? DA  A 1   . ? 12_555 ? 
2  AC1 16 DA  A 2 ? DA  A 2   . ? 12_555 ? 
3  AC1 16 DA  A 3 ? DA  A 3   . ? 12_555 ? 
4  AC1 16 DA  A 4 ? DA  A 4   . ? 12_555 ? 
5  AC1 16 DT  A 5 ? DT  A 5   . ? 1_555  ? 
6  AC1 16 DT  A 5 ? DT  A 5   . ? 12_555 ? 
7  AC1 16 DT  A 6 ? DT  A 6   . ? 1_555  ? 
8  AC1 16 DT  A 7 ? DT  A 7   . ? 1_555  ? 
9  AC1 16 DT  A 8 ? DT  A 8   . ? 1_555  ? 
10 AC1 16 HOH G . ? HOH A 202 . ? 1_555  ? 
11 AC1 16 HOH G . ? HOH A 211 . ? 1_555  ? 
12 AC1 16 HOH G . ? HOH A 213 . ? 1_555  ? 
13 AC1 16 DA  B 2 ? DA  B 2   . ? 7_555  ? 
14 AC1 16 DA  B 3 ? DA  B 3   . ? 7_555  ? 
15 AC1 16 MWB E . ? MWB B 101 . ? 1_555  ? 
16 AC1 16 DT  C 8 ? DT  C 8   . ? 1_555  ? 
17 AC2 15 DT  A 8 ? DT  A 8   . ? 1_555  ? 
18 AC2 15 MWB D . ? MWB A 101 . ? 1_555  ? 
19 AC2 15 DA  B 1 ? DA  B 1   . ? 1_555  ? 
20 AC2 15 DA  B 2 ? DA  B 2   . ? 1_555  ? 
21 AC2 15 DA  B 3 ? DA  B 3   . ? 1_555  ? 
22 AC2 15 DA  B 3 ? DA  B 3   . ? 7_555  ? 
23 AC2 15 DA  B 4 ? DA  B 4   . ? 1_555  ? 
24 AC2 15 DT  B 5 ? DT  B 5   . ? 1_555  ? 
25 AC2 15 HOH H . ? HOH B 202 . ? 1_555  ? 
26 AC2 15 HOH H . ? HOH B 208 . ? 1_555  ? 
27 AC2 15 DT  C 5 ? DT  C 5   . ? 1_555  ? 
28 AC2 15 DT  C 6 ? DT  C 6   . ? 1_555  ? 
29 AC2 15 DT  C 7 ? DT  C 7   . ? 1_555  ? 
30 AC2 15 DT  C 8 ? DT  C 8   . ? 1_555  ? 
31 AC2 15 MWB F . ? MWB C 101 . ? 1_555  ? 
32 AC3 11 DT  B 5 ? DT  B 5   . ? 1_555  ? 
33 AC3 11 DT  B 6 ? DT  B 6   . ? 1_555  ? 
34 AC3 11 DT  B 7 ? DT  B 7   . ? 1_555  ? 
35 AC3 11 DT  B 8 ? DT  B 8   . ? 12_545 ? 
36 AC3 11 DT  B 8 ? DT  B 8   . ? 1_555  ? 
37 AC3 11 MWB E . ? MWB B 101 . ? 1_555  ? 
38 AC3 11 DA  C 1 ? DA  C 1   . ? 1_555  ? 
39 AC3 11 DA  C 2 ? DA  C 2   . ? 1_555  ? 
40 AC3 11 DA  C 3 ? DA  C 3   . ? 1_555  ? 
41 AC3 11 DA  C 4 ? DA  C 4   . ? 1_555  ? 
42 AC3 11 DT  C 5 ? DT  C 5   . ? 1_555  ? 
# 
loop_
_pdbx_struct_special_symmetry.id 
_pdbx_struct_special_symmetry.PDB_model_num 
_pdbx_struct_special_symmetry.auth_asym_id 
_pdbx_struct_special_symmetry.auth_comp_id 
_pdbx_struct_special_symmetry.auth_seq_id 
_pdbx_struct_special_symmetry.PDB_ins_code 
_pdbx_struct_special_symmetry.label_asym_id 
_pdbx_struct_special_symmetry.label_comp_id 
_pdbx_struct_special_symmetry.label_seq_id 
1 1 A HOH 220 ? G HOH . 
2 1 B HOH 214 ? H HOH . 
# 
loop_
_chem_comp_atom.comp_id 
_chem_comp_atom.atom_id 
_chem_comp_atom.type_symbol 
_chem_comp_atom.pdbx_aromatic_flag 
_chem_comp_atom.pdbx_stereo_config 
_chem_comp_atom.pdbx_ordinal 
DA  OP3    O N N 1   
DA  P      P N N 2   
DA  OP1    O N N 3   
DA  OP2    O N N 4   
DA  "O5'"  O N N 5   
DA  "C5'"  C N N 6   
DA  "C4'"  C N R 7   
DA  "O4'"  O N N 8   
DA  "C3'"  C N S 9   
DA  "O3'"  O N N 10  
DA  "C2'"  C N N 11  
DA  "C1'"  C N R 12  
DA  N9     N Y N 13  
DA  C8     C Y N 14  
DA  N7     N Y N 15  
DA  C5     C Y N 16  
DA  C6     C Y N 17  
DA  N6     N N N 18  
DA  N1     N Y N 19  
DA  C2     C Y N 20  
DA  N3     N Y N 21  
DA  C4     C Y N 22  
DA  HOP3   H N N 23  
DA  HOP2   H N N 24  
DA  "H5'"  H N N 25  
DA  "H5''" H N N 26  
DA  "H4'"  H N N 27  
DA  "H3'"  H N N 28  
DA  "HO3'" H N N 29  
DA  "H2'"  H N N 30  
DA  "H2''" H N N 31  
DA  "H1'"  H N N 32  
DA  H8     H N N 33  
DA  H61    H N N 34  
DA  H62    H N N 35  
DA  H2     H N N 36  
DT  OP3    O N N 37  
DT  P      P N N 38  
DT  OP1    O N N 39  
DT  OP2    O N N 40  
DT  "O5'"  O N N 41  
DT  "C5'"  C N N 42  
DT  "C4'"  C N R 43  
DT  "O4'"  O N N 44  
DT  "C3'"  C N S 45  
DT  "O3'"  O N N 46  
DT  "C2'"  C N N 47  
DT  "C1'"  C N R 48  
DT  N1     N N N 49  
DT  C2     C N N 50  
DT  O2     O N N 51  
DT  N3     N N N 52  
DT  C4     C N N 53  
DT  O4     O N N 54  
DT  C5     C N N 55  
DT  C7     C N N 56  
DT  C6     C N N 57  
DT  HOP3   H N N 58  
DT  HOP2   H N N 59  
DT  "H5'"  H N N 60  
DT  "H5''" H N N 61  
DT  "H4'"  H N N 62  
DT  "H3'"  H N N 63  
DT  "HO3'" H N N 64  
DT  "H2'"  H N N 65  
DT  "H2''" H N N 66  
DT  "H1'"  H N N 67  
DT  H3     H N N 68  
DT  H71    H N N 69  
DT  H72    H N N 70  
DT  H73    H N N 71  
DT  H6     H N N 72  
HOH O      O N N 73  
HOH H1     H N N 74  
HOH H2     H N N 75  
MWB C1     C Y N 76  
MWB C2     C Y N 77  
MWB C3     C Y N 78  
MWB C4     C Y N 79  
MWB C5     C Y N 80  
MWB C6     C Y N 81  
MWB C7     C Y N 82  
MWB C8     C Y N 83  
MWB C9     C Y N 84  
MWB C10    C Y N 85  
MWB C11    C Y N 86  
MWB C12    C Y N 87  
MWB N1     N N N 88  
MWB C13    C N N 89  
MWB N2     N N N 90  
MWB N3     N N N 91  
MWB C14    C N N 92  
MWB N4     N N N 93  
MWB N5     N N N 94  
MWB N6     N N N 95  
MWB N7     N N N 96  
MWB C15    C N N 97  
MWB C16    C N N 98  
MWB C17    C N N 99  
MWB C18    C N N 100 
MWB H1     H N N 101 
MWB H2     H N N 102 
MWB H3     H N N 103 
MWB H4     H N N 104 
MWB H5     H N N 105 
MWB H6     H N N 106 
MWB H7     H N N 107 
MWB H8     H N N 108 
MWB H9     H N N 109 
MWB H10    H N N 110 
MWB H15    H N N 111 
MWB H17    H N N 112 
MWB H18    H N N 113 
MWB H19    H N N 114 
MWB H20    H N N 115 
MWB H21    H N N 116 
MWB H22    H N N 117 
MWB H23    H N N 118 
MWB H24    H N N 119 
MWB H11    H N N 120 
MWB H12    H N N 121 
# 
loop_
_chem_comp_bond.comp_id 
_chem_comp_bond.atom_id_1 
_chem_comp_bond.atom_id_2 
_chem_comp_bond.value_order 
_chem_comp_bond.pdbx_aromatic_flag 
_chem_comp_bond.pdbx_stereo_config 
_chem_comp_bond.pdbx_ordinal 
DA  OP3   P      sing N N 1   
DA  OP3   HOP3   sing N N 2   
DA  P     OP1    doub N N 3   
DA  P     OP2    sing N N 4   
DA  P     "O5'"  sing N N 5   
DA  OP2   HOP2   sing N N 6   
DA  "O5'" "C5'"  sing N N 7   
DA  "C5'" "C4'"  sing N N 8   
DA  "C5'" "H5'"  sing N N 9   
DA  "C5'" "H5''" sing N N 10  
DA  "C4'" "O4'"  sing N N 11  
DA  "C4'" "C3'"  sing N N 12  
DA  "C4'" "H4'"  sing N N 13  
DA  "O4'" "C1'"  sing N N 14  
DA  "C3'" "O3'"  sing N N 15  
DA  "C3'" "C2'"  sing N N 16  
DA  "C3'" "H3'"  sing N N 17  
DA  "O3'" "HO3'" sing N N 18  
DA  "C2'" "C1'"  sing N N 19  
DA  "C2'" "H2'"  sing N N 20  
DA  "C2'" "H2''" sing N N 21  
DA  "C1'" N9     sing N N 22  
DA  "C1'" "H1'"  sing N N 23  
DA  N9    C8     sing Y N 24  
DA  N9    C4     sing Y N 25  
DA  C8    N7     doub Y N 26  
DA  C8    H8     sing N N 27  
DA  N7    C5     sing Y N 28  
DA  C5    C6     sing Y N 29  
DA  C5    C4     doub Y N 30  
DA  C6    N6     sing N N 31  
DA  C6    N1     doub Y N 32  
DA  N6    H61    sing N N 33  
DA  N6    H62    sing N N 34  
DA  N1    C2     sing Y N 35  
DA  C2    N3     doub Y N 36  
DA  C2    H2     sing N N 37  
DA  N3    C4     sing Y N 38  
DT  OP3   P      sing N N 39  
DT  OP3   HOP3   sing N N 40  
DT  P     OP1    doub N N 41  
DT  P     OP2    sing N N 42  
DT  P     "O5'"  sing N N 43  
DT  OP2   HOP2   sing N N 44  
DT  "O5'" "C5'"  sing N N 45  
DT  "C5'" "C4'"  sing N N 46  
DT  "C5'" "H5'"  sing N N 47  
DT  "C5'" "H5''" sing N N 48  
DT  "C4'" "O4'"  sing N N 49  
DT  "C4'" "C3'"  sing N N 50  
DT  "C4'" "H4'"  sing N N 51  
DT  "O4'" "C1'"  sing N N 52  
DT  "C3'" "O3'"  sing N N 53  
DT  "C3'" "C2'"  sing N N 54  
DT  "C3'" "H3'"  sing N N 55  
DT  "O3'" "HO3'" sing N N 56  
DT  "C2'" "C1'"  sing N N 57  
DT  "C2'" "H2'"  sing N N 58  
DT  "C2'" "H2''" sing N N 59  
DT  "C1'" N1     sing N N 60  
DT  "C1'" "H1'"  sing N N 61  
DT  N1    C2     sing N N 62  
DT  N1    C6     sing N N 63  
DT  C2    O2     doub N N 64  
DT  C2    N3     sing N N 65  
DT  N3    C4     sing N N 66  
DT  N3    H3     sing N N 67  
DT  C4    O4     doub N N 68  
DT  C4    C5     sing N N 69  
DT  C5    C7     sing N N 70  
DT  C5    C6     doub N N 71  
DT  C7    H71    sing N N 72  
DT  C7    H72    sing N N 73  
DT  C7    H73    sing N N 74  
DT  C6    H6     sing N N 75  
HOH O     H1     sing N N 76  
HOH O     H2     sing N N 77  
MWB C17   C18    sing N N 78  
MWB C17   N4     sing N N 79  
MWB C16   C15    sing N N 80  
MWB C16   N3     sing N N 81  
MWB C18   N5     sing N N 82  
MWB C15   N2     sing N N 83  
MWB N4    C14    doub N N 84  
MWB N3    C13    doub N N 85  
MWB N5    C14    sing N N 86  
MWB C14   N6     sing N N 87  
MWB N2    C13    sing N N 88  
MWB C3    C6     doub Y N 89  
MWB C3    C1     sing Y N 90  
MWB C13   N7     sing N N 91  
MWB C6    C2     sing Y N 92  
MWB N6    C1     sing N N 93  
MWB C10   C7     doub Y N 94  
MWB C10   C11    sing Y N 95  
MWB C1    C4     doub Y N 96  
MWB C7    C9     sing Y N 97  
MWB N7    C11    sing N N 98  
MWB C11   C8     doub Y N 99  
MWB C2    N1     sing N N 100 
MWB C2    C5     doub Y N 101 
MWB C9    N1     sing N N 102 
MWB C9    C12    doub Y N 103 
MWB C4    C5     sing Y N 104 
MWB C8    C12    sing Y N 105 
MWB C3    H1     sing N N 106 
MWB C4    H2     sing N N 107 
MWB C5    H3     sing N N 108 
MWB C6    H4     sing N N 109 
MWB C7    H5     sing N N 110 
MWB C8    H6     sing N N 111 
MWB C10   H7     sing N N 112 
MWB C12   H8     sing N N 113 
MWB N1    H9     sing N N 114 
MWB N2    H10    sing N N 115 
MWB N5    H15    sing N N 116 
MWB N6    H17    sing N N 117 
MWB N7    H18    sing N N 118 
MWB C15   H19    sing N N 119 
MWB C16   H20    sing N N 120 
MWB C17   H21    sing N N 121 
MWB C17   H22    sing N N 122 
MWB C18   H23    sing N N 123 
MWB C18   H24    sing N N 124 
MWB C15   H11    sing N N 125 
MWB C16   H12    sing N N 126 
# 
_ndb_struct_conf_na.entry_id   4OCD 
_ndb_struct_conf_na.feature    'b-form double helix' 
# 
loop_
_ndb_struct_na_base_pair.model_number 
_ndb_struct_na_base_pair.i_label_asym_id 
_ndb_struct_na_base_pair.i_label_comp_id 
_ndb_struct_na_base_pair.i_label_seq_id 
_ndb_struct_na_base_pair.i_symmetry 
_ndb_struct_na_base_pair.j_label_asym_id 
_ndb_struct_na_base_pair.j_label_comp_id 
_ndb_struct_na_base_pair.j_label_seq_id 
_ndb_struct_na_base_pair.j_symmetry 
_ndb_struct_na_base_pair.shear 
_ndb_struct_na_base_pair.stretch 
_ndb_struct_na_base_pair.stagger 
_ndb_struct_na_base_pair.buckle 
_ndb_struct_na_base_pair.propeller 
_ndb_struct_na_base_pair.opening 
_ndb_struct_na_base_pair.pair_number 
_ndb_struct_na_base_pair.pair_name 
_ndb_struct_na_base_pair.i_auth_asym_id 
_ndb_struct_na_base_pair.i_auth_seq_id 
_ndb_struct_na_base_pair.i_PDB_ins_code 
_ndb_struct_na_base_pair.j_auth_asym_id 
_ndb_struct_na_base_pair.j_auth_seq_id 
_ndb_struct_na_base_pair.j_PDB_ins_code 
_ndb_struct_na_base_pair.hbond_type_28 
_ndb_struct_na_base_pair.hbond_type_12 
1 B DA 1 1_555 C DT 8 1_555  0.284  -0.125 0.125  7.075  -11.012 1.481  1  B_DA1:DT8_C B 1 ? C 8 ? 20 1 
1 B DA 2 1_555 C DT 7 1_555  0.233  -0.150 0.283  4.315  -11.240 -1.461 2  B_DA2:DT7_C B 2 ? C 7 ? 20 1 
1 B DA 3 1_555 C DT 6 1_555  0.161  -0.104 0.209  2.828  -17.297 0.296  3  B_DA3:DT6_C B 3 ? C 6 ? 20 1 
1 B DA 4 1_555 C DT 5 1_555  -0.342 -0.273 -0.177 -3.618 -15.116 3.696  4  B_DA4:DT5_C B 4 ? C 5 ? 20 1 
1 B DT 5 1_555 C DA 4 1_555  -0.178 0.008  -0.069 -0.328 -13.573 2.664  5  B_DT5:DA4_C B 5 ? C 4 ? 20 1 
1 B DT 6 1_555 C DA 3 1_555  0.213  -0.382 -0.008 -3.713 -17.184 0.047  6  B_DT6:DA3_C B 6 ? C 3 ? 20 1 
1 B DT 7 1_555 C DA 2 1_555  -0.161 -0.044 -0.048 -5.685 -13.314 7.743  7  B_DT7:DA2_C B 7 ? C 2 ? 20 1 
1 B DT 8 1_555 C DA 1 1_555  -0.491 -0.195 -0.067 -3.154 -6.197  1.915  8  B_DT8:DA1_C B 8 ? C 1 ? 20 1 
1 A DA 1 1_555 A DT 8 12_555 0.187  -0.137 0.041  6.630  -11.172 2.998  9  A_DA1:DT8_A A 1 ? A 8 ? 20 1 
1 A DA 2 1_555 A DT 7 12_555 0.124  -0.157 -0.016 4.838  -17.566 1.003  10 A_DA2:DT7_A A 2 ? A 7 ? 20 1 
1 A DA 3 1_555 A DT 6 12_555 0.001  -0.065 0.104  3.261  -13.317 -1.584 11 A_DA3:DT6_A A 3 ? A 6 ? 20 1 
1 A DA 4 1_555 A DT 5 12_555 0.311  -0.238 0.094  -2.433 -11.064 4.803  12 A_DA4:DT5_A A 4 ? A 5 ? 20 1 
1 A DT 5 1_555 A DA 4 12_555 -0.311 -0.238 0.094  2.433  -11.064 4.803  13 A_DT5:DA4_A A 5 ? A 4 ? 20 1 
1 A DT 6 1_555 A DA 3 12_555 -0.001 -0.065 0.104  -3.261 -13.317 -1.584 14 A_DT6:DA3_A A 6 ? A 3 ? 20 1 
1 A DT 7 1_555 A DA 2 12_555 -0.124 -0.157 -0.016 -4.838 -17.566 1.003  15 A_DT7:DA2_A A 7 ? A 2 ? 20 1 
1 A DT 8 1_555 A DA 1 12_555 -0.187 -0.137 0.041  -6.630 -11.172 2.998  16 A_DT8:DA1_A A 8 ? A 1 ? 20 1 
# 
loop_
_ndb_struct_na_base_pair_step.model_number 
_ndb_struct_na_base_pair_step.i_label_asym_id_1 
_ndb_struct_na_base_pair_step.i_label_comp_id_1 
_ndb_struct_na_base_pair_step.i_label_seq_id_1 
_ndb_struct_na_base_pair_step.i_symmetry_1 
_ndb_struct_na_base_pair_step.j_label_asym_id_1 
_ndb_struct_na_base_pair_step.j_label_comp_id_1 
_ndb_struct_na_base_pair_step.j_label_seq_id_1 
_ndb_struct_na_base_pair_step.j_symmetry_1 
_ndb_struct_na_base_pair_step.i_label_asym_id_2 
_ndb_struct_na_base_pair_step.i_label_comp_id_2 
_ndb_struct_na_base_pair_step.i_label_seq_id_2 
_ndb_struct_na_base_pair_step.i_symmetry_2 
_ndb_struct_na_base_pair_step.j_label_asym_id_2 
_ndb_struct_na_base_pair_step.j_label_comp_id_2 
_ndb_struct_na_base_pair_step.j_label_seq_id_2 
_ndb_struct_na_base_pair_step.j_symmetry_2 
_ndb_struct_na_base_pair_step.shift 
_ndb_struct_na_base_pair_step.slide 
_ndb_struct_na_base_pair_step.rise 
_ndb_struct_na_base_pair_step.tilt 
_ndb_struct_na_base_pair_step.roll 
_ndb_struct_na_base_pair_step.twist 
_ndb_struct_na_base_pair_step.x_displacement 
_ndb_struct_na_base_pair_step.y_displacement 
_ndb_struct_na_base_pair_step.helical_rise 
_ndb_struct_na_base_pair_step.inclination 
_ndb_struct_na_base_pair_step.tip 
_ndb_struct_na_base_pair_step.helical_twist 
_ndb_struct_na_base_pair_step.step_number 
_ndb_struct_na_base_pair_step.step_name 
_ndb_struct_na_base_pair_step.i_auth_asym_id_1 
_ndb_struct_na_base_pair_step.i_auth_seq_id_1 
_ndb_struct_na_base_pair_step.i_PDB_ins_code_1 
_ndb_struct_na_base_pair_step.j_auth_asym_id_1 
_ndb_struct_na_base_pair_step.j_auth_seq_id_1 
_ndb_struct_na_base_pair_step.j_PDB_ins_code_1 
_ndb_struct_na_base_pair_step.i_auth_asym_id_2 
_ndb_struct_na_base_pair_step.i_auth_seq_id_2 
_ndb_struct_na_base_pair_step.i_PDB_ins_code_2 
_ndb_struct_na_base_pair_step.j_auth_asym_id_2 
_ndb_struct_na_base_pair_step.j_auth_seq_id_2 
_ndb_struct_na_base_pair_step.j_PDB_ins_code_2 
1 B DA 1 1_555 C DT 8 1_555  B DA 2 1_555 C DT 7 1_555  -0.595 0.133  3.384 -2.793 -6.071 39.788 0.905  0.536  3.361 -8.845 4.069  
40.322 1  BB_DA1DA2:DT7DT8_CC B 1 ? C 8 ? B 2 ? C 7 ? 
1 B DA 2 1_555 C DT 7 1_555  B DA 3 1_555 C DT 6 1_555  -0.118 0.183  3.313 -0.567 -4.370 38.219 0.826  0.107  3.274 -6.647 0.863  
38.463 2  BB_DA2DA3:DT6DT7_CC B 2 ? C 7 ? B 3 ? C 6 ? 
1 B DA 3 1_555 C DT 6 1_555  B DA 4 1_555 C DT 5 1_555  0.287  0.127  3.369 1.964  -4.378 36.031 0.833  -0.179 3.341 -7.039 -3.157 
36.339 3  BB_DA3DA4:DT5DT6_CC B 3 ? C 6 ? B 4 ? C 5 ? 
1 B DA 4 1_555 C DT 5 1_555  B DT 5 1_555 C DA 4 1_555  -0.031 -0.226 3.287 -0.769 3.796  32.509 -1.057 -0.077 3.240 6.751  1.368  
32.733 4  BB_DA4DT5:DA4DT5_CC B 4 ? C 5 ? B 5 ? C 4 ? 
1 B DT 5 1_555 C DA 4 1_555  B DT 6 1_555 C DA 3 1_555  -0.146 0.171  3.288 1.252  -2.059 43.012 0.436  0.323  3.271 -2.806 -1.706 
43.076 5  BB_DT5DT6:DA3DA4_CC B 5 ? C 4 ? B 6 ? C 3 ? 
1 B DT 6 1_555 C DA 3 1_555  B DT 7 1_555 C DA 2 1_555  0.512  0.064  3.197 3.264  -0.256 33.928 0.149  -0.363 3.231 -0.438 -5.578 
34.081 6  BB_DT6DT7:DA2DA3_CC B 6 ? C 3 ? B 7 ? C 2 ? 
1 B DT 7 1_555 C DA 2 1_555  B DT 8 1_555 C DA 1 1_555  0.265  0.133  3.128 0.972  -3.112 36.244 0.626  -0.295 3.112 -4.990 -1.559 
36.385 7  BB_DT7DT8:DA1DA2_CC B 7 ? C 2 ? B 8 ? C 1 ? 
1 A DA 1 1_555 A DT 8 12_555 A DA 2 1_555 A DT 7 12_555 -0.456 0.011  3.297 1.100  -3.919 38.811 0.492  0.816  3.267 -5.878 -1.650 
39.016 8  AA_DA1DA2:DT7DT8_AA A 1 ? A 8 ? A 2 ? A 7 ? 
1 A DA 2 1_555 A DT 7 12_555 A DA 3 1_555 A DT 6 12_555 -0.144 0.181  3.286 -1.537 -1.514 35.840 0.511  0.013  3.279 -2.457 2.494  
35.903 9  AA_DA2DA3:DT6DT7_AA A 2 ? A 7 ? A 3 ? A 6 ? 
1 A DA 3 1_555 A DT 6 12_555 A DA 4 1_555 A DT 5 12_555 0.463  0.042  3.425 -1.325 -5.886 41.997 0.684  -0.780 3.374 -8.162 1.837  
42.409 10 AA_DA3DA4:DT5DT6_AA A 3 ? A 6 ? A 4 ? A 5 ? 
1 A DA 4 1_555 A DT 5 12_555 A DT 5 1_555 A DA 4 12_555 0.000  -0.040 3.299 0.000  1.820  30.074 -0.452 0.000  3.291 3.504  0.000  
30.127 11 AA_DA4DT5:DA4DT5_AA A 4 ? A 5 ? A 5 ? A 4 ? 
1 A DT 5 1_555 A DA 4 12_555 A DT 6 1_555 A DA 3 12_555 -0.463 0.042  3.425 1.325  -5.886 41.997 0.684  0.780  3.374 -8.162 -1.837 
42.409 12 AA_DT5DT6:DA3DA4_AA A 5 ? A 4 ? A 6 ? A 3 ? 
1 A DT 6 1_555 A DA 3 12_555 A DT 7 1_555 A DA 2 12_555 0.144  0.181  3.286 1.536  -1.514 35.840 0.511  -0.013 3.279 -2.457 -2.494 
35.903 13 AA_DT6DT7:DA2DA3_AA A 6 ? A 3 ? A 7 ? A 2 ? 
1 A DT 7 1_555 A DA 2 12_555 A DT 8 1_555 A DA 1 12_555 0.456  0.011  3.297 -1.100 -3.919 38.811 0.492  -0.816 3.267 -5.878 1.650  
39.016 14 AA_DT7DT8:DA1DA2_AA A 7 ? A 2 ? A 8 ? A 1 ? 
# 
_atom_sites.entry_id                    4OCD 
_atom_sites.fract_transf_matrix[1][1]   -0.00212998 
_atom_sites.fract_transf_matrix[1][2]   -0.01301328 
_atom_sites.fract_transf_matrix[1][3]   -0.00672261 
_atom_sites.fract_transf_matrix[2][1]   -0.01317828 
_atom_sites.fract_transf_matrix[2][2]   -0.00668735 
_atom_sites.fract_transf_matrix[2][3]   0.00082582 
_atom_sites.fract_transf_matrix[3][1]   -0.00320708 
_atom_sites.fract_transf_matrix[3][2]   0.00520195 
_atom_sites.fract_transf_matrix[3][3]   -0.00905353 
_atom_sites.fract_transf_vector[1]      -0.359738 
_atom_sites.fract_transf_vector[2]      -0.394932 
_atom_sites.fract_transf_vector[3]      0.071498 
# 
loop_
_atom_type.symbol 
C 
N 
O 
P 
# 
loop_
_atom_site.group_PDB 
_atom_site.id 
_atom_site.type_symbol 
_atom_site.label_atom_id 
_atom_site.label_alt_id 
_atom_site.label_comp_id 
_atom_site.label_asym_id 
_atom_site.label_entity_id 
_atom_site.label_seq_id 
_atom_site.pdbx_PDB_ins_code 
_atom_site.Cartn_x 
_atom_site.Cartn_y 
_atom_site.Cartn_z 
_atom_site.occupancy 
_atom_site.B_iso_or_equiv 
_atom_site.pdbx_formal_charge 
_atom_site.auth_seq_id 
_atom_site.auth_comp_id 
_atom_site.auth_asym_id 
_atom_site.auth_atom_id 
_atom_site.pdbx_PDB_model_num 
ATOM   1   O "O5'" . DA  A 1 1 ? -28.987 9.052   4.966   1.00 86.97  ? 1   DA  A "O5'" 1 
ATOM   2   C "C5'" . DA  A 1 1 ? -28.944 9.810   6.169   1.00 74.59  ? 1   DA  A "C5'" 1 
ATOM   3   C "C4'" . DA  A 1 1 ? -28.271 9.018   7.247   1.00 67.82  ? 1   DA  A "C4'" 1 
ATOM   4   O "O4'" . DA  A 1 1 ? -28.554 7.602   7.073   1.00 59.89  ? 1   DA  A "O4'" 1 
ATOM   5   C "C3'" . DA  A 1 1 ? -26.763 9.164   7.339   1.00 58.15  ? 1   DA  A "C3'" 1 
ATOM   6   O "O3'" . DA  A 1 1 ? -26.438 9.380   8.705   1.00 58.16  ? 1   DA  A "O3'" 1 
ATOM   7   C "C2'" . DA  A 1 1 ? -26.241 7.851   6.767   1.00 60.55  ? 1   DA  A "C2'" 1 
ATOM   8   C "C1'" . DA  A 1 1 ? -27.336 6.866   7.097   1.00 51.17  ? 1   DA  A "C1'" 1 
ATOM   9   N N9    . DA  A 1 1 ? -27.477 5.778   6.141   1.00 40.18  ? 1   DA  A N9    1 
ATOM   10  C C8    . DA  A 1 1 ? -27.640 5.887   4.786   1.00 45.84  ? 1   DA  A C8    1 
ATOM   11  N N7    . DA  A 1 1 ? -27.759 4.736   4.174   1.00 53.38  ? 1   DA  A N7    1 
ATOM   12  C C5    . DA  A 1 1 ? -27.687 3.806   5.199   1.00 44.06  ? 1   DA  A C5    1 
ATOM   13  C C6    . DA  A 1 1 ? -27.749 2.408   5.208   1.00 40.01  ? 1   DA  A C6    1 
ATOM   14  N N6    . DA  A 1 1 ? -27.921 1.664   4.117   1.00 43.58  ? 1   DA  A N6    1 
ATOM   15  N N1    . DA  A 1 1 ? -27.624 1.784   6.397   1.00 43.64  ? 1   DA  A N1    1 
ATOM   16  C C2    . DA  A 1 1 ? -27.459 2.524   7.491   1.00 43.40  ? 1   DA  A C2    1 
ATOM   17  N N3    . DA  A 1 1 ? -27.384 3.844   7.610   1.00 49.36  ? 1   DA  A N3    1 
ATOM   18  C C4    . DA  A 1 1 ? -27.507 4.433   6.414   1.00 44.71  ? 1   DA  A C4    1 
ATOM   19  P P     . DA  A 1 2 ? -24.916 9.570   9.164   1.00 70.40  ? 2   DA  A P     1 
ATOM   20  O OP1   . DA  A 1 2 ? -24.901 10.509  10.294  1.00 76.07  ? 2   DA  A OP1   1 
ATOM   21  O OP2   . DA  A 1 2 ? -24.022 9.758   8.006   1.00 74.81  ? 2   DA  A OP2   1 
ATOM   22  O "O5'" . DA  A 1 2 ? -24.566 8.176   9.833   1.00 61.03  ? 2   DA  A "O5'" 1 
ATOM   23  C "C5'" . DA  A 1 2 ? -25.290 7.781   10.980  1.00 58.30  ? 2   DA  A "C5'" 1 
ATOM   24  C "C4'" . DA  A 1 2 ? -24.787 6.450   11.458  1.00 55.53  ? 2   DA  A "C4'" 1 
ATOM   25  O "O4'" . DA  A 1 2 ? -24.971 5.449   10.452  1.00 54.15  ? 2   DA  A "O4'" 1 
ATOM   26  C "C3'" . DA  A 1 2 ? -23.295 6.450   11.789  1.00 54.67  ? 2   DA  A "C3'" 1 
ATOM   27  O "O3'" . DA  A 1 2 ? -23.222 5.806   13.060  1.00 60.43  ? 2   DA  A "O3'" 1 
ATOM   28  C "C2'" . DA  A 1 2 ? -22.653 5.721   10.610  1.00 51.17  ? 2   DA  A "C2'" 1 
ATOM   29  C "C1'" . DA  A 1 2 ? -23.754 4.810   10.127  1.00 47.30  ? 2   DA  A "C1'" 1 
ATOM   30  N N9    . DA  A 1 2 ? -23.787 4.537   8.700   1.00 41.55  ? 2   DA  A N9    1 
ATOM   31  C C8    . DA  A 1 2 ? -23.731 5.446   7.677   1.00 44.37  ? 2   DA  A C8    1 
ATOM   32  N N7    . DA  A 1 2 ? -23.848 4.908   6.486   1.00 46.40  ? 2   DA  A N7    1 
ATOM   33  C C5    . DA  A 1 2 ? -24.026 3.557   6.748   1.00 36.11  ? 2   DA  A C5    1 
ATOM   34  C C6    . DA  A 1 2 ? -24.216 2.454   5.910   1.00 41.32  ? 2   DA  A C6    1 
ATOM   35  N N6    . DA  A 1 2 ? -24.258 2.527   4.583   1.00 46.46  ? 2   DA  A N6    1 
ATOM   36  N N1    . DA  A 1 2 ? -24.361 1.246   6.486   1.00 44.95  ? 2   DA  A N1    1 
ATOM   37  C C2    . DA  A 1 2 ? -24.321 1.168   7.816   1.00 47.28  ? 2   DA  A C2    1 
ATOM   38  N N3    . DA  A 1 2 ? -24.155 2.134   8.711   1.00 47.88  ? 2   DA  A N3    1 
ATOM   39  C C4    . DA  A 1 2 ? -24.004 3.317   8.105   1.00 42.68  ? 2   DA  A C4    1 
ATOM   40  P P     . DA  A 1 3 ? -21.892 5.738   13.866  1.00 67.71  ? 3   DA  A P     1 
ATOM   41  O OP1   . DA  A 1 3 ? -22.291 5.755   15.294  1.00 62.30  ? 3   DA  A OP1   1 
ATOM   42  O OP2   . DA  A 1 3 ? -20.914 6.701   13.293  1.00 63.46  ? 3   DA  A OP2   1 
ATOM   43  O "O5'" . DA  A 1 3 ? -21.346 4.287   13.526  1.00 62.76  ? 3   DA  A "O5'" 1 
ATOM   44  C "C5'" . DA  A 1 3 ? -22.147 3.158   13.869  1.00 46.81  ? 3   DA  A "C5'" 1 
ATOM   45  C "C4'" . DA  A 1 3 ? -21.551 1.897   13.303  1.00 48.36  ? 3   DA  A "C4'" 1 
ATOM   46  O "O4'" . DA  A 1 3 ? -21.708 1.880   11.877  1.00 45.56  ? 3   DA  A "O4'" 1 
ATOM   47  C "C3'" . DA  A 1 3 ? -20.048 1.695   13.569  1.00 46.34  ? 3   DA  A "C3'" 1 
ATOM   48  O "O3'" . DA  A 1 3 ? -19.953 0.316   13.871  1.00 45.87  ? 3   DA  A "O3'" 1 
ATOM   49  C "C2'" . DA  A 1 3 ? -19.420 1.983   12.225  1.00 44.81  ? 3   DA  A "C2'" 1 
ATOM   50  C "C1'" . DA  A 1 3 ? -20.490 1.509   11.275  1.00 45.94  ? 3   DA  A "C1'" 1 
ATOM   51  N N9    . DA  A 1 3 ? -20.462 2.105   9.955   1.00 41.48  ? 3   DA  A N9    1 
ATOM   52  C C8    . DA  A 1 3 ? -20.311 3.427   9.627   1.00 37.48  ? 3   DA  A C8    1 
ATOM   53  N N7    . DA  A 1 3 ? -20.395 3.665   8.342   1.00 40.22  ? 3   DA  A N7    1 
ATOM   54  C C5    . DA  A 1 3 ? -20.627 2.415   7.787   1.00 37.99  ? 3   DA  A C5    1 
ATOM   55  C C6    . DA  A 1 3 ? -20.818 1.989   6.470   1.00 39.47  ? 3   DA  A C6    1 
ATOM   56  N N6    . DA  A 1 3 ? -20.800 2.803   5.417   1.00 40.58  ? 3   DA  A N6    1 
ATOM   57  N N1    . DA  A 1 3 ? -21.043 0.677   6.261   1.00 37.66  ? 3   DA  A N1    1 
ATOM   58  C C2    . DA  A 1 3 ? -21.075 -0.138  7.312   1.00 40.57  ? 3   DA  A C2    1 
ATOM   59  N N3    . DA  A 1 3 ? -20.909 0.143   8.596   1.00 39.60  ? 3   DA  A N3    1 
ATOM   60  C C4    . DA  A 1 3 ? -20.689 1.450   8.771   1.00 40.18  ? 3   DA  A C4    1 
ATOM   61  P P     . DA  A 1 4 ? -18.665 -0.311  14.458  1.00 57.81  ? 4   DA  A P     1 
ATOM   62  O OP1   . DA  A 1 4 ? -19.073 -1.011  15.702  1.00 55.33  ? 4   DA  A OP1   1 
ATOM   63  O OP2   . DA  A 1 4 ? -17.597 0.693   14.422  1.00 56.75  ? 4   DA  A OP2   1 
ATOM   64  O "O5'" . DA  A 1 4 ? -18.308 -1.448  13.397  1.00 51.70  ? 4   DA  A "O5'" 1 
ATOM   65  C "C5'" . DA  A 1 4 ? -19.324 -2.313  12.929  1.00 45.25  ? 4   DA  A "C5'" 1 
ATOM   66  C "C4'" . DA  A 1 4 ? -18.891 -3.024  11.676  1.00 46.92  ? 4   DA  A "C4'" 1 
ATOM   67  O "O4'" . DA  A 1 4 ? -19.125 -2.151  10.562  1.00 50.25  ? 4   DA  A "O4'" 1 
ATOM   68  C "C3'" . DA  A 1 4 ? -17.413 -3.404  11.624  1.00 47.52  ? 4   DA  A "C3'" 1 
ATOM   69  O "O3'" . DA  A 1 4 ? -17.346 -4.821  11.743  1.00 55.59  ? 4   DA  A "O3'" 1 
ATOM   70  C "C2'" . DA  A 1 4 ? -16.975 -3.033  10.227  1.00 54.64  ? 4   DA  A "C2'" 1 
ATOM   71  C "C1'" . DA  A 1 4 ? -18.136 -2.326  9.576   1.00 49.98  ? 4   DA  A "C1'" 1 
ATOM   72  N N9    . DA  A 1 4 ? -17.824 -1.011  9.044   1.00 43.76  ? 4   DA  A N9    1 
ATOM   73  C C8    . DA  A 1 4 ? -17.496 0.124   9.744   1.00 44.47  ? 4   DA  A C8    1 
ATOM   74  N N7    . DA  A 1 4 ? -17.315 1.176   8.990   1.00 43.25  ? 4   DA  A N7    1 
ATOM   75  C C5    . DA  A 1 4 ? -17.536 0.704   7.705   1.00 41.62  ? 4   DA  A C5    1 
ATOM   76  C C6    . DA  A 1 4 ? -17.498 1.327   6.453   1.00 43.40  ? 4   DA  A C6    1 
ATOM   77  N N6    . DA  A 1 4 ? -17.204 2.612   6.274   1.00 44.62  ? 4   DA  A N6    1 
ATOM   78  N N1    . DA  A 1 4 ? -17.781 0.576   5.371   1.00 43.23  ? 4   DA  A N1    1 
ATOM   79  C C2    . DA  A 1 4 ? -18.072 -0.713  5.546   1.00 40.57  ? 4   DA  A C2    1 
ATOM   80  N N3    . DA  A 1 4 ? -18.137 -1.412  6.667   1.00 41.46  ? 4   DA  A N3    1 
ATOM   81  C C4    . DA  A 1 4 ? -17.859 -0.637  7.725   1.00 44.36  ? 4   DA  A C4    1 
ATOM   82  P P     . DT  A 1 5 ? -15.963 -5.528  11.616  1.00 62.11  ? 5   DT  A P     1 
ATOM   83  O OP1   . DT  A 1 5 ? -16.140 -6.867  12.192  1.00 50.79  ? 5   DT  A OP1   1 
ATOM   84  O OP2   . DT  A 1 5 ? -14.876 -4.573  12.062  1.00 59.90  ? 5   DT  A OP2   1 
ATOM   85  O "O5'" . DT  A 1 5 ? -15.744 -5.666  10.050  1.00 53.62  ? 5   DT  A "O5'" 1 
ATOM   86  C "C5'" . DT  A 1 5 ? -16.598 -6.469  9.279   1.00 48.72  ? 5   DT  A "C5'" 1 
ATOM   87  C "C4'" . DT  A 1 5 ? -16.197 -6.387  7.827   1.00 46.97  ? 5   DT  A "C4'" 1 
ATOM   88  O "O4'" . DT  A 1 5 ? -16.206 -5.018  7.377   1.00 49.07  ? 5   DT  A "O4'" 1 
ATOM   89  C "C3'" . DT  A 1 5 ? -14.805 -6.927  7.529   1.00 45.55  ? 5   DT  A "C3'" 1 
ATOM   90  O "O3'" . DT  A 1 5 ? -15.001 -7.764  6.390   1.00 52.85  ? 5   DT  A "O3'" 1 
ATOM   91  C "C2'" . DT  A 1 5 ? -13.979 -5.685  7.238   1.00 45.14  ? 5   DT  A "C2'" 1 
ATOM   92  C "C1'" . DT  A 1 5 ? -15.003 -4.729  6.687   1.00 46.65  ? 5   DT  A "C1'" 1 
ATOM   93  N N1    . DT  A 1 5 ? -14.708 -3.304  6.901   1.00 40.71  ? 5   DT  A N1    1 
ATOM   94  C C2    . DT  A 1 5 ? -14.744 -2.463  5.817   1.00 41.83  ? 5   DT  A C2    1 
ATOM   95  O O2    . DT  A 1 5 ? -14.978 -2.847  4.688   1.00 41.07  ? 5   DT  A O2    1 
ATOM   96  N N3    . DT  A 1 5 ? -14.481 -1.154  6.101   1.00 36.08  ? 5   DT  A N3    1 
ATOM   97  C C4    . DT  A 1 5 ? -14.191 -0.611  7.336   1.00 42.43  ? 5   DT  A C4    1 
ATOM   98  O O4    . DT  A 1 5 ? -13.981 0.588   7.438   1.00 43.84  ? 5   DT  A O4    1 
ATOM   99  C C5    . DT  A 1 5 ? -14.181 -1.546  8.428   1.00 38.26  ? 5   DT  A C5    1 
ATOM   100 C C7    . DT  A 1 5 ? -13.883 -1.046  9.803   1.00 46.84  ? 5   DT  A C7    1 
ATOM   101 C C6    . DT  A 1 5 ? -14.434 -2.830  8.159   1.00 37.65  ? 5   DT  A C6    1 
ATOM   102 P P     . DT  A 1 6 ? -13.822 -8.665  5.889   1.00 57.19  ? 6   DT  A P     1 
ATOM   103 O OP1   . DT  A 1 6 ? -14.427 -9.996  5.679   1.00 64.07  ? 6   DT  A OP1   1 
ATOM   104 O OP2   . DT  A 1 6 ? -12.641 -8.476  6.756   1.00 45.24  ? 6   DT  A OP2   1 
ATOM   105 O "O5'" . DT  A 1 6 ? -13.514 -8.044  4.460   1.00 57.42  ? 6   DT  A "O5'" 1 
ATOM   106 C "C5'" . DT  A 1 6 ? -14.613 -7.795  3.588   1.00 52.84  ? 6   DT  A "C5'" 1 
ATOM   107 C "C4'" . DT  A 1 6 ? -14.195 -6.994  2.383   1.00 54.69  ? 6   DT  A "C4'" 1 
ATOM   108 O "O4'" . DT  A 1 6 ? -13.912 -5.632  2.744   1.00 51.65  ? 6   DT  A "O4'" 1 
ATOM   109 C "C3'" . DT  A 1 6 ? -12.940 -7.504  1.648   1.00 49.54  ? 6   DT  A "C3'" 1 
ATOM   110 O "O3'" . DT  A 1 6 ? -13.265 -7.265  0.281   1.00 64.09  ? 6   DT  A "O3'" 1 
ATOM   111 C "C2'" . DT  A 1 6 ? -11.856 -6.566  2.139   1.00 45.81  ? 6   DT  A "C2'" 1 
ATOM   112 C "C1'" . DT  A 1 6 ? -12.610 -5.268  2.307   1.00 49.75  ? 6   DT  A "C1'" 1 
ATOM   113 N N1    . DT  A 1 6 ? -12.068 -4.345  3.297   1.00 41.32  ? 6   DT  A N1    1 
ATOM   114 C C2    . DT  A 1 6 ? -11.946 -3.019  2.967   1.00 36.71  ? 6   DT  A C2    1 
ATOM   115 O O2    . DT  A 1 6 ? -12.207 -2.582  1.865   1.00 44.40  ? 6   DT  A O2    1 
ATOM   116 N N3    . DT  A 1 6 ? -11.497 -2.220  3.978   1.00 36.83  ? 6   DT  A N3    1 
ATOM   117 C C4    . DT  A 1 6 ? -11.179 -2.605  5.258   1.00 38.90  ? 6   DT  A C4    1 
ATOM   118 O O4    . DT  A 1 6 ? -10.794 -1.769  6.060   1.00 48.41  ? 6   DT  A O4    1 
ATOM   119 C C5    . DT  A 1 6 ? -11.336 -4.002  5.540   1.00 38.56  ? 6   DT  A C5    1 
ATOM   120 C C7    . DT  A 1 6 ? -11.011 -4.506  6.907   1.00 47.57  ? 6   DT  A C7    1 
ATOM   121 C C6    . DT  A 1 6 ? -11.784 -4.791  4.564   1.00 41.01  ? 6   DT  A C6    1 
ATOM   122 P P     . DT  A 1 7 ? -12.524 -8.039  -0.845  1.00 76.79  ? 7   DT  A P     1 
ATOM   123 O OP1   . DT  A 1 7 ? -13.617 -8.501  -1.763  1.00 63.44  ? 7   DT  A OP1   1 
ATOM   124 O OP2   . DT  A 1 7 ? -11.454 -8.905  -0.227  1.00 54.46  ? 7   DT  A OP2   1 
ATOM   125 O "O5'" . DT  A 1 7 ? -11.731 -6.893  -1.592  1.00 64.50  ? 7   DT  A "O5'" 1 
ATOM   126 C "C5'" . DT  A 1 7 ? -12.455 -5.749  -2.067  1.00 48.40  ? 7   DT  A "C5'" 1 
ATOM   127 C "C4'" . DT  A 1 7 ? -11.512 -4.597  -2.263  1.00 48.85  ? 7   DT  A "C4'" 1 
ATOM   128 O "O4'" . DT  A 1 7 ? -11.119 -4.066  -0.992  1.00 40.68  ? 7   DT  A "O4'" 1 
ATOM   129 C "C3'" . DT  A 1 7 ? -10.209 -4.926  -3.008  1.00 40.32  ? 7   DT  A "C3'" 1 
ATOM   130 O "O3'" . DT  A 1 7 ? -10.338 -4.181  -4.211  1.00 48.23  ? 7   DT  A "O3'" 1 
ATOM   131 C "C2'" . DT  A 1 7 ? -9.111  -4.423  -2.078  1.00 38.89  ? 7   DT  A "C2'" 1 
ATOM   132 C "C1'" . DT  A 1 7 ? -9.837  -3.518  -1.112  1.00 39.75  ? 7   DT  A "C1'" 1 
ATOM   133 N N1    . DT  A 1 7 ? -9.276  -3.439  0.232   1.00 36.42  ? 7   DT  A N1    1 
ATOM   134 C C2    . DT  A 1 7 ? -9.031  -2.197  0.762   1.00 41.76  ? 7   DT  A C2    1 
ATOM   135 O O2    . DT  A 1 7 ? -9.190  -1.165  0.139   1.00 38.92  ? 7   DT  A O2    1 
ATOM   136 N N3    . DT  A 1 7 ? -8.548  -2.207  2.041   1.00 35.63  ? 7   DT  A N3    1 
ATOM   137 C C4    . DT  A 1 7 ? -8.335  -3.309  2.835   1.00 40.88  ? 7   DT  A C4    1 
ATOM   138 O O4    . DT  A 1 7 ? -7.900  -3.162  3.970   1.00 44.10  ? 7   DT  A O4    1 
ATOM   139 C C5    . DT  A 1 7 ? -8.618  -4.575  2.220   1.00 36.63  ? 7   DT  A C5    1 
ATOM   140 C C7    . DT  A 1 7 ? -8.411  -5.828  3.008   1.00 46.13  ? 7   DT  A C7    1 
ATOM   141 C C6    . DT  A 1 7 ? -9.092  -4.576  0.971   1.00 40.67  ? 7   DT  A C6    1 
ATOM   142 P P     . DT  A 1 8 ? -9.224  -4.249  -5.285  1.00 48.23  ? 8   DT  A P     1 
ATOM   143 O OP1   . DT  A 1 8 ? -9.876  -4.040  -6.532  1.00 49.84  ? 8   DT  A OP1   1 
ATOM   144 O OP2   . DT  A 1 8 ? -8.440  -5.458  -5.076  1.00 50.39  ? 8   DT  A OP2   1 
ATOM   145 O "O5'" . DT  A 1 8 ? -8.339  -2.990  -4.884  1.00 45.89  ? 8   DT  A "O5'" 1 
ATOM   146 C "C5'" . DT  A 1 8 ? -8.897  -1.675  -4.946  1.00 48.38  ? 8   DT  A "C5'" 1 
ATOM   147 C "C4'" . DT  A 1 8 ? -7.930  -0.675  -4.371  1.00 45.73  ? 8   DT  A "C4'" 1 
ATOM   148 O "O4'" . DT  A 1 8 ? -7.875  -0.826  -2.938  1.00 41.54  ? 8   DT  A "O4'" 1 
ATOM   149 C "C3'" . DT  A 1 8 ? -6.479  -0.807  -4.828  1.00 43.84  ? 8   DT  A "C3'" 1 
ATOM   150 O "O3'" . DT  A 1 8 ? -6.302  0.025   -5.969  1.00 42.60  ? 8   DT  A "O3'" 1 
ATOM   151 C "C2'" . DT  A 1 8 ? -5.708  -0.227  -3.659  1.00 41.50  ? 8   DT  A "C2'" 1 
ATOM   152 C "C1'" . DT  A 1 8 ? -6.665  -0.274  -2.471  1.00 39.83  ? 8   DT  A "C1'" 1 
ATOM   153 N N1    . DT  A 1 8 ? -6.217  -1.113  -1.363  1.00 38.06  ? 8   DT  A N1    1 
ATOM   154 C C2    . DT  A 1 8 ? -5.819  -0.524  -0.193  1.00 37.16  ? 8   DT  A C2    1 
ATOM   155 O O2    . DT  A 1 8 ? -5.779  0.680   -0.035  1.00 43.02  ? 8   DT  A O2    1 
ATOM   156 N N3    . DT  A 1 8 ? -5.450  -1.403  0.788   1.00 35.11  ? 8   DT  A N3    1 
ATOM   157 C C4    . DT  A 1 8 ? -5.456  -2.779  0.718   1.00 38.69  ? 8   DT  A C4    1 
ATOM   158 O O4    . DT  A 1 8 ? -5.101  -3.442  1.685   1.00 45.70  ? 8   DT  A O4    1 
ATOM   159 C C5    . DT  A 1 8 ? -5.889  -3.328  -0.537  1.00 41.42  ? 8   DT  A C5    1 
ATOM   160 C C7    . DT  A 1 8 ? -5.923  -4.813  -0.710  1.00 43.28  ? 8   DT  A C7    1 
ATOM   161 C C6    . DT  A 1 8 ? -6.255  -2.479  -1.496  1.00 41.04  ? 8   DT  A C6    1 
ATOM   162 O "O5'" . DA  B 1 1 ? -6.124  -6.142  -3.865  1.00 76.91  ? 1   DA  B "O5'" 1 
ATOM   163 C "C5'" . DA  B 1 1 ? -5.347  -5.998  -5.052  1.00 55.02  ? 1   DA  B "C5'" 1 
ATOM   164 C "C4'" . DA  B 1 1 ? -4.991  -4.554  -5.230  1.00 46.35  ? 1   DA  B "C4'" 1 
ATOM   165 O "O4'" . DA  B 1 1 ? -4.722  -3.964  -3.939  1.00 48.51  ? 1   DA  B "O4'" 1 
ATOM   166 C "C3'" . DA  B 1 1 ? -3.738  -4.299  -6.062  1.00 47.41  ? 1   DA  B "C3'" 1 
ATOM   167 O "O3'" . DA  B 1 1 ? -3.942  -3.031  -6.658  1.00 50.39  ? 1   DA  B "O3'" 1 
ATOM   168 C "C2'" . DA  B 1 1 ? -2.649  -4.210  -5.009  1.00 51.81  ? 1   DA  B "C2'" 1 
ATOM   169 C "C1'" . DA  B 1 1 ? -3.381  -3.509  -3.879  1.00 48.34  ? 1   DA  B "C1'" 1 
ATOM   170 N N9    . DA  B 1 1 ? -2.874  -3.813  -2.551  1.00 46.17  ? 1   DA  B N9    1 
ATOM   171 C C8    . DA  B 1 1 ? -2.536  -5.043  -2.051  1.00 44.95  ? 1   DA  B C8    1 
ATOM   172 N N7    . DA  B 1 1 ? -2.127  -5.010  -0.801  1.00 44.65  ? 1   DA  B N7    1 
ATOM   173 C C5    . DA  B 1 1 ? -2.185  -3.665  -0.469  1.00 41.19  ? 1   DA  B C5    1 
ATOM   174 C C6    . DA  B 1 1 ? -1.868  -2.969  0.703   1.00 40.25  ? 1   DA  B C6    1 
ATOM   175 N N6    . DA  B 1 1 ? -1.413  -3.544  1.816   1.00 49.38  ? 1   DA  B N6    1 
ATOM   176 N N1    . DA  B 1 1 ? -2.027  -1.635  0.703   1.00 39.78  ? 1   DA  B N1    1 
ATOM   177 C C2    . DA  B 1 1 ? -2.470  -1.044  -0.407  1.00 41.58  ? 1   DA  B C2    1 
ATOM   178 N N3    . DA  B 1 1 ? -2.807  -1.589  -1.566  1.00 45.23  ? 1   DA  B N3    1 
ATOM   179 C C4    . DA  B 1 1 ? -2.640  -2.918  -1.536  1.00 40.69  ? 1   DA  B C4    1 
ATOM   180 P P     . DA  B 1 2 ? -3.094  -2.591  -7.877  1.00 54.18  ? 2   DA  B P     1 
ATOM   181 O OP1   . DA  B 1 2 ? -4.052  -2.340  -8.962  1.00 43.84  ? 2   DA  B OP1   1 
ATOM   182 O OP2   . DA  B 1 2 ? -1.949  -3.518  -8.012  1.00 50.73  ? 2   DA  B OP2   1 
ATOM   183 O "O5'" . DA  B 1 2 ? -2.503  -1.204  -7.379  1.00 48.74  ? 2   DA  B "O5'" 1 
ATOM   184 C "C5'" . DA  B 1 2 ? -3.373  -0.090  -7.361  1.00 54.02  ? 2   DA  B "C5'" 1 
ATOM   185 C "C4'" . DA  B 1 2 ? -2.806  1.040   -6.550  1.00 51.64  ? 2   DA  B "C4'" 1 
ATOM   186 O "O4'" . DA  B 1 2 ? -2.373  0.553   -5.262  1.00 47.12  ? 2   DA  B "O4'" 1 
ATOM   187 C "C3'" . DA  B 1 2 ? -1.613  1.764   -7.164  1.00 49.95  ? 2   DA  B "C3'" 1 
ATOM   188 O "O3'" . DA  B 1 2 ? -1.867  3.095   -6.756  1.00 58.11  ? 2   DA  B "O3'" 1 
ATOM   189 C "C2'" . DA  B 1 2 ? -0.426  1.155   -6.432  1.00 51.56  ? 2   DA  B "C2'" 1 
ATOM   190 C "C1'" . DA  B 1 2 ? -1.004  0.901   -5.057  1.00 51.62  ? 2   DA  B "C1'" 1 
ATOM   191 N N9    . DA  B 1 2 ? -0.410  -0.184  -4.299  1.00 49.52  ? 2   DA  B N9    1 
ATOM   192 C C8    . DA  B 1 2 ? -0.321  -1.500  -4.671  1.00 43.39  ? 2   DA  B C8    1 
ATOM   193 N N7    . DA  B 1 2 ? 0.191   -2.275  -3.742  1.00 49.61  ? 2   DA  B N7    1 
ATOM   194 C C5    . DA  B 1 2 ? 0.427   -1.413  -2.682  1.00 38.51  ? 2   DA  B C5    1 
ATOM   195 C C6    . DA  B 1 2 ? 0.954   -1.613  -1.408  1.00 42.25  ? 2   DA  B C6    1 
ATOM   196 N N6    . DA  B 1 2 ? 1.357   -2.798  -0.953  1.00 43.73  ? 2   DA  B N6    1 
ATOM   197 N N1    . DA  B 1 2 ? 1.046   -0.543  -0.591  1.00 41.29  ? 2   DA  B N1    1 
ATOM   198 C C2    . DA  B 1 2 ? 0.640   0.638   -1.041  1.00 43.09  ? 2   DA  B C2    1 
ATOM   199 N N3    . DA  B 1 2 ? 0.130   0.957   -2.220  1.00 46.64  ? 2   DA  B N3    1 
ATOM   200 C C4    . DA  B 1 2 ? 0.049   -0.125  -3.009  1.00 45.77  ? 2   DA  B C4    1 
ATOM   201 P P     . DA  B 1 3 ? -1.284  4.279   -7.551  1.00 62.29  ? 3   DA  B P     1 
ATOM   202 O OP1   . DA  B 1 3 ? -2.410  5.254   -7.692  1.00 51.81  ? 3   DA  B OP1   1 
ATOM   203 O OP2   . DA  B 1 3 ? -0.489  3.772   -8.681  1.00 53.61  ? 3   DA  B OP2   1 
ATOM   204 O "O5'" . DA  B 1 3 ? -0.301  4.914   -6.492  1.00 63.05  ? 3   DA  B "O5'" 1 
ATOM   205 C "C5'" . DA  B 1 3 ? -0.858  5.367   -5.270  1.00 56.33  ? 3   DA  B "C5'" 1 
ATOM   206 C "C4'" . DA  B 1 3 ? 0.246   5.616   -4.282  1.00 53.80  ? 3   DA  B "C4'" 1 
ATOM   207 O "O4'" . DA  B 1 3 ? 0.754   4.363   -3.810  1.00 45.72  ? 3   DA  B "O4'" 1 
ATOM   208 C "C3'" . DA  B 1 3 ? 1.451   6.391   -4.837  1.00 51.94  ? 3   DA  B "C3'" 1 
ATOM   209 O "O3'" . DA  B 1 3 ? 1.639   7.393   -3.841  1.00 67.00  ? 3   DA  B "O3'" 1 
ATOM   210 C "C2'" . DA  B 1 3 ? 2.537   5.338   -4.919  1.00 48.74  ? 3   DA  B "C2'" 1 
ATOM   211 C "C1'" . DA  B 1 3 ? 2.157   4.374   -3.825  1.00 47.61  ? 3   DA  B "C1'" 1 
ATOM   212 N N9    . DA  B 1 3 ? 2.582   2.998   -3.997  1.00 48.40  ? 3   DA  B N9    1 
ATOM   213 C C8    . DA  B 1 3 ? 2.472   2.207   -5.112  1.00 52.15  ? 3   DA  B C8    1 
ATOM   214 N N7    . DA  B 1 3 ? 2.877   0.972   -4.924  1.00 53.07  ? 3   DA  B N7    1 
ATOM   215 C C5    . DA  B 1 3 ? 3.262   0.950   -3.595  1.00 44.56  ? 3   DA  B C5    1 
ATOM   216 C C6    . DA  B 1 3 ? 3.774   -0.063  -2.781  1.00 48.94  ? 3   DA  B C6    1 
ATOM   217 N N6    . DA  B 1 3 ? 4.016   -1.306  -3.196  1.00 55.20  ? 3   DA  B N6    1 
ATOM   218 N N1    . DA  B 1 3 ? 4.041   0.240   -1.494  1.00 49.64  ? 3   DA  B N1    1 
ATOM   219 C C2    . DA  B 1 3 ? 3.811   1.483   -1.073  1.00 50.06  ? 3   DA  B C2    1 
ATOM   220 N N3    . DA  B 1 3 ? 3.329   2.518   -1.738  1.00 50.01  ? 3   DA  B N3    1 
ATOM   221 C C4    . DA  B 1 3 ? 3.060   2.180   -3.005  1.00 51.38  ? 3   DA  B C4    1 
ATOM   222 P P     . DA  B 1 4 ? 2.675   8.519   -4.027  1.00 70.59  ? 4   DA  B P     1 
ATOM   223 O OP1   . DA  B 1 4 ? 2.035   9.738   -3.502  1.00 80.10  ? 4   DA  B OP1   1 
ATOM   224 O OP2   . DA  B 1 4 ? 3.224   8.435   -5.401  1.00 76.53  ? 4   DA  B OP2   1 
ATOM   225 O "O5'" . DA  B 1 4 ? 3.824   8.081   -3.034  1.00 59.22  ? 4   DA  B "O5'" 1 
ATOM   226 C "C5'" . DA  B 1 4 ? 3.550   8.055   -1.644  1.00 59.81  ? 4   DA  B "C5'" 1 
ATOM   227 C "C4'" . DA  B 1 4 ? 4.618   7.287   -0.917  1.00 62.09  ? 4   DA  B "C4'" 1 
ATOM   228 O "O4'" . DA  B 1 4 ? 4.654   5.961   -1.439  1.00 56.54  ? 4   DA  B "O4'" 1 
ATOM   229 C "C3'" . DA  B 1 4 ? 6.031   7.853   -1.114  1.00 63.15  ? 4   DA  B "C3'" 1 
ATOM   230 O "O3'" . DA  B 1 4 ? 6.581   8.248   0.142   1.00 79.88  ? 4   DA  B "O3'" 1 
ATOM   231 C "C2'" . DA  B 1 4 ? 6.845   6.687   -1.667  1.00 63.96  ? 4   DA  B "C2'" 1 
ATOM   232 C "C1'" . DA  B 1 4 ? 5.976   5.489   -1.383  1.00 60.40  ? 4   DA  B "C1'" 1 
ATOM   233 N N9    . DA  B 1 4 ? 6.094   4.422   -2.362  1.00 52.11  ? 4   DA  B N9    1 
ATOM   234 C C8    . DA  B 1 4 ? 5.832   4.470   -3.703  1.00 48.76  ? 4   DA  B C8    1 
ATOM   235 N N7    . DA  B 1 4 ? 6.013   3.328   -4.318  1.00 50.01  ? 4   DA  B N7    1 
ATOM   236 C C5    . DA  B 1 4 ? 6.425   2.470   -3.310  1.00 44.45  ? 4   DA  B C5    1 
ATOM   237 C C6    . DA  B 1 4 ? 6.758   1.113   -3.305  1.00 47.94  ? 4   DA  B C6    1 
ATOM   238 N N6    . DA  B 1 4 ? 6.752   0.342   -4.389  1.00 52.05  ? 4   DA  B N6    1 
ATOM   239 N N1    . DA  B 1 4 ? 7.112   0.567   -2.129  1.00 58.62  ? 4   DA  B N1    1 
ATOM   240 C C2    . DA  B 1 4 ? 7.123   1.328   -1.042  1.00 54.06  ? 4   DA  B C2    1 
ATOM   241 N N3    . DA  B 1 4 ? 6.817   2.606   -0.916  1.00 55.99  ? 4   DA  B N3    1 
ATOM   242 C C4    . DA  B 1 4 ? 6.466   3.128   -2.098  1.00 45.73  ? 4   DA  B C4    1 
ATOM   243 P P     . DT  B 1 5 ? 7.884   9.110   0.144   1.00 95.07  ? 5   DT  B P     1 
ATOM   244 O OP1   . DT  B 1 5 ? 7.636   10.214  1.119   1.00 95.77  ? 5   DT  B OP1   1 
ATOM   245 O OP2   . DT  B 1 5 ? 8.286   9.367   -1.281  1.00 80.54  ? 5   DT  B OP2   1 
ATOM   246 O "O5'" . DT  B 1 5 ? 8.986   8.124   0.721   1.00 85.94  ? 5   DT  B "O5'" 1 
ATOM   247 C "C5'" . DT  B 1 5 ? 8.620   7.180   1.714   1.00 78.02  ? 5   DT  B "C5'" 1 
ATOM   248 C "C4'" . DT  B 1 5 ? 9.602   6.039   1.718   1.00 74.99  ? 5   DT  B "C4'" 1 
ATOM   249 O "O4'" . DT  B 1 5 ? 9.332   5.152   0.621   1.00 69.89  ? 5   DT  B "O4'" 1 
ATOM   250 C "C3'" . DT  B 1 5 ? 11.071  6.447   1.579   1.00 81.87  ? 5   DT  B "C3'" 1 
ATOM   251 O "O3'" . DT  B 1 5 ? 11.760  5.742   2.600   1.00 103.06 ? 5   DT  B "O3'" 1 
ATOM   252 C "C2'" . DT  B 1 5 ? 11.457  5.918   0.212   1.00 71.31  ? 5   DT  B "C2'" 1 
ATOM   253 C "C1'" . DT  B 1 5 ? 10.560  4.714   0.096   1.00 64.90  ? 5   DT  B "C1'" 1 
ATOM   254 N N1    . DT  B 1 5 ? 10.316  4.238   -1.258  1.00 53.13  ? 5   DT  B N1    1 
ATOM   255 C C2    . DT  B 1 5 ? 10.467  2.902   -1.513  1.00 54.22  ? 5   DT  B C2    1 
ATOM   256 O O2    . DT  B 1 5 ? 10.809  2.099   -0.669  1.00 56.64  ? 5   DT  B O2    1 
ATOM   257 N N3    . DT  B 1 5 ? 10.206  2.525   -2.805  1.00 53.91  ? 5   DT  B N3    1 
ATOM   258 C C4    . DT  B 1 5 ? 9.799   3.349   -3.835  1.00 54.25  ? 5   DT  B C4    1 
ATOM   259 O O4    . DT  B 1 5 ? 9.591   2.862   -4.938  1.00 63.05  ? 5   DT  B O4    1 
ATOM   260 C C5    . DT  B 1 5 ? 9.660   4.743   -3.495  1.00 54.49  ? 5   DT  B C5    1 
ATOM   261 C C7    . DT  B 1 5 ? 9.240   5.701   -4.555  1.00 61.83  ? 5   DT  B C7    1 
ATOM   262 C C6    . DT  B 1 5 ? 9.914   5.108   -2.239  1.00 57.49  ? 5   DT  B C6    1 
ATOM   263 P P     . DT  B 1 6 ? 13.277  6.025   2.869   1.00 97.68  ? 6   DT  B P     1 
ATOM   264 O OP1   . DT  B 1 6 ? 13.411  6.292   4.315   1.00 98.46  ? 6   DT  B OP1   1 
ATOM   265 O OP2   . DT  B 1 6 ? 13.717  7.034   1.891   1.00 99.49  ? 6   DT  B OP2   1 
ATOM   266 O "O5'" . DT  B 1 6 ? 13.928  4.600   2.620   1.00 77.65  ? 6   DT  B "O5'" 1 
ATOM   267 C "C5'" . DT  B 1 6 ? 13.331  3.497   3.268   1.00 79.42  ? 6   DT  B "C5'" 1 
ATOM   268 C "C4'" . DT  B 1 6 ? 13.925  2.191   2.805   1.00 90.27  ? 6   DT  B "C4'" 1 
ATOM   269 O "O4'" . DT  B 1 6 ? 13.529  1.920   1.448   1.00 85.33  ? 6   DT  B "O4'" 1 
ATOM   270 C "C3'" . DT  B 1 6 ? 15.450  2.165   2.805   1.00 106.86 ? 6   DT  B "C3'" 1 
ATOM   271 O "O3'" . DT  B 1 6 ? 15.844  0.864   3.239   1.00 119.03 ? 6   DT  B "O3'" 1 
ATOM   272 C "C2'" . DT  B 1 6 ? 15.806  2.432   1.348   1.00 96.42  ? 6   DT  B "C2'" 1 
ATOM   273 C "C1'" . DT  B 1 6 ? 14.670  1.728   0.632   1.00 82.72  ? 6   DT  B "C1'" 1 
ATOM   274 N N1    . DT  B 1 6 ? 14.357  2.267   -0.689  1.00 56.77  ? 6   DT  B N1    1 
ATOM   275 C C2    . DT  B 1 6 ? 14.134  1.390   -1.716  1.00 58.60  ? 6   DT  B C2    1 
ATOM   276 O O2    . DT  B 1 6 ? 14.201  0.182   -1.583  1.00 59.39  ? 6   DT  B O2    1 
ATOM   277 N N3    . DT  B 1 6 ? 13.822  1.988   -2.902  1.00 58.45  ? 6   DT  B N3    1 
ATOM   278 C C4    . DT  B 1 6 ? 13.701  3.327   -3.164  1.00 57.68  ? 6   DT  B C4    1 
ATOM   279 O O4    . DT  B 1 6 ? 13.414  3.718   -4.288  1.00 68.06  ? 6   DT  B O4    1 
ATOM   280 C C5    . DT  B 1 6 ? 13.942  4.186   -2.049  1.00 51.71  ? 6   DT  B C5    1 
ATOM   281 C C7    . DT  B 1 6 ? 13.851  5.671   -2.227  1.00 55.47  ? 6   DT  B C7    1 
ATOM   282 C C6    . DT  B 1 6 ? 14.252  3.626   -0.876  1.00 58.46  ? 6   DT  B C6    1 
ATOM   283 P P     . DT  B 1 7 ? 17.330  0.601   3.631   1.00 113.18 ? 7   DT  B P     1 
ATOM   284 O OP1   . DT  B 1 7 ? 17.297  -0.245  4.854   1.00 114.86 ? 7   DT  B OP1   1 
ATOM   285 O OP2   . DT  B 1 7 ? 18.041  1.912   3.609   1.00 101.02 ? 7   DT  B OP2   1 
ATOM   286 O "O5'" . DT  B 1 7 ? 17.840  -0.315  2.433   1.00 96.04  ? 7   DT  B "O5'" 1 
ATOM   287 C "C5'" . DT  B 1 7 ? 17.040  -1.433  2.078   1.00 100.33 ? 7   DT  B "C5'" 1 
ATOM   288 C "C4'" . DT  B 1 7 ? 17.522  -2.026  0.775   1.00 111.53 ? 7   DT  B "C4'" 1 
ATOM   289 O "O4'" . DT  B 1 7 ? 17.022  -1.256  -0.342  1.00 105.95 ? 7   DT  B "O4'" 1 
ATOM   290 C "C3'" . DT  B 1 7 ? 19.037  -2.084  0.611   1.00 109.10 ? 7   DT  B "C3'" 1 
ATOM   291 O "O3'" . DT  B 1 7 ? 19.313  -3.397  0.139   1.00 117.82 ? 7   DT  B "O3'" 1 
ATOM   292 C "C2'" . DT  B 1 7 ? 19.317  -1.045  -0.445  1.00 89.98  ? 7   DT  B "C2'" 1 
ATOM   293 C "C1'" . DT  B 1 7 ? 18.056  -1.066  -1.271  1.00 81.08  ? 7   DT  B "C1'" 1 
ATOM   294 N N1    . DT  B 1 7 ? 17.787  0.185   -1.979  1.00 60.94  ? 7   DT  B N1    1 
ATOM   295 C C2    . DT  B 1 7 ? 17.299  0.113   -3.259  1.00 60.49  ? 7   DT  B C2    1 
ATOM   296 O O2    . DT  B 1 7 ? 17.097  -0.939  -3.837  1.00 61.84  ? 7   DT  B O2    1 
ATOM   297 N N3    . DT  B 1 7 ? 17.073  1.325   -3.851  1.00 57.55  ? 7   DT  B N3    1 
ATOM   298 C C4    . DT  B 1 7 ? 17.262  2.572   -3.293  1.00 62.55  ? 7   DT  B C4    1 
ATOM   299 O O4    . DT  B 1 7 ? 17.008  3.577   -3.962  1.00 61.98  ? 7   DT  B O4    1 
ATOM   300 C C5    . DT  B 1 7 ? 17.769  2.571   -1.944  1.00 56.95  ? 7   DT  B C5    1 
ATOM   301 C C7    . DT  B 1 7 ? 18.005  3.878   -1.267  1.00 62.31  ? 7   DT  B C7    1 
ATOM   302 C C6    . DT  B 1 7 ? 17.988  1.394   -1.360  1.00 59.10  ? 7   DT  B C6    1 
ATOM   303 P P     . DT  B 1 8 ? 20.789  -3.894  0.076   1.00 103.01 ? 8   DT  B P     1 
ATOM   304 O OP1   . DT  B 1 8 ? 20.829  -5.234  0.688   1.00 90.89  ? 8   DT  B OP1   1 
ATOM   305 O OP2   . DT  B 1 8 ? 21.643  -2.800  0.567   1.00 74.47  ? 8   DT  B OP2   1 
ATOM   306 O "O5'" . DT  B 1 8 ? 20.982  -4.146  -1.468  1.00 96.70  ? 8   DT  B "O5'" 1 
ATOM   307 C "C5'" . DT  B 1 8 ? 20.225  -5.144  -2.144  1.00 89.09  ? 8   DT  B "C5'" 1 
ATOM   308 C "C4'" . DT  B 1 8 ? 20.143  -4.791  -3.608  1.00 96.82  ? 8   DT  B "C4'" 1 
ATOM   309 O "O4'" . DT  B 1 8 ? 19.788  -3.402  -3.718  1.00 94.76  ? 8   DT  B "O4'" 1 
ATOM   310 C "C3'" . DT  B 1 8 ? 21.469  -4.935  -4.353  1.00 100.88 ? 8   DT  B "C3'" 1 
ATOM   311 O "O3'" . DT  B 1 8 ? 21.373  -5.999  -5.329  1.00 88.67  ? 8   DT  B "O3'" 1 
ATOM   312 C "C2'" . DT  B 1 8 ? 21.691  -3.569  -5.003  1.00 98.77  ? 8   DT  B "C2'" 1 
ATOM   313 C "C1'" . DT  B 1 8 ? 20.330  -2.922  -4.917  1.00 78.08  ? 8   DT  B "C1'" 1 
ATOM   314 N N1    . DT  B 1 8 ? 20.335  -1.460  -4.844  1.00 58.15  ? 8   DT  B N1    1 
ATOM   315 C C2    . DT  B 1 8 ? 19.801  -0.773  -5.909  1.00 67.66  ? 8   DT  B C2    1 
ATOM   316 O O2    . DT  B 1 8 ? 19.341  -1.323  -6.893  1.00 65.10  ? 8   DT  B O2    1 
ATOM   317 N N3    . DT  B 1 8 ? 19.836  0.583   -5.776  1.00 50.68  ? 8   DT  B N3    1 
ATOM   318 C C4    . DT  B 1 8 ? 20.325  1.311   -4.720  1.00 53.36  ? 8   DT  B C4    1 
ATOM   319 O O4    . DT  B 1 8 ? 20.284  2.533   -4.743  1.00 59.48  ? 8   DT  B O4    1 
ATOM   320 C C5    . DT  B 1 8 ? 20.863  0.532   -3.643  1.00 52.54  ? 8   DT  B C5    1 
ATOM   321 C C7    . DT  B 1 8 ? 21.430  1.243   -2.452  1.00 62.69  ? 8   DT  B C7    1 
ATOM   322 C C6    . DT  B 1 8 ? 20.836  -0.802  -3.753  1.00 53.59  ? 8   DT  B C6    1 
ATOM   323 O "O5'" . DA  C 1 1 ? 16.956  6.691   -12.742 1.00 89.70  ? 1   DA  C "O5'" 1 
ATOM   324 C "C5'" . DA  C 1 1 ? 17.309  6.250   -14.055 1.00 90.11  ? 1   DA  C "C5'" 1 
ATOM   325 C "C4'" . DA  C 1 1 ? 17.025  4.776   -14.196 1.00 97.72  ? 1   DA  C "C4'" 1 
ATOM   326 O "O4'" . DA  C 1 1 ? 17.697  4.065   -13.138 1.00 97.62  ? 1   DA  C "O4'" 1 
ATOM   327 C "C3'" . DA  C 1 1 ? 15.552  4.395   -14.063 1.00 106.88 ? 1   DA  C "C3'" 1 
ATOM   328 O "O3'" . DA  C 1 1 ? 15.319  3.217   -14.834 1.00 111.25 ? 1   DA  C "O3'" 1 
ATOM   329 C "C2'" . DA  C 1 1 ? 15.398  4.186   -12.568 1.00 104.65 ? 1   DA  C "C2'" 1 
ATOM   330 C "C1'" . DA  C 1 1 ? 16.761  3.646   -12.150 1.00 93.80  ? 1   DA  C "C1'" 1 
ATOM   331 N N9    . DA  C 1 1 ? 17.245  4.118   -10.859 1.00 72.28  ? 1   DA  C N9    1 
ATOM   332 C C8    . DA  C 1 1 ? 17.274  5.405   -10.390 1.00 70.88  ? 1   DA  C C8    1 
ATOM   333 N N7    . DA  C 1 1 ? 17.786  5.519   -9.189  1.00 62.06  ? 1   DA  C N7    1 
ATOM   334 C C5    . DA  C 1 1 ? 18.145  4.222   -8.854  1.00 58.40  ? 1   DA  C C5    1 
ATOM   335 C C6    . DA  C 1 1 ? 18.756  3.674   -7.724  1.00 62.06  ? 1   DA  C C6    1 
ATOM   336 N N6    . DA  C 1 1 ? 19.134  4.394   -6.667  1.00 64.11  ? 1   DA  C N6    1 
ATOM   337 N N1    . DA  C 1 1 ? 18.962  2.340   -7.713  1.00 60.93  ? 1   DA  C N1    1 
ATOM   338 C C2    . DA  C 1 1 ? 18.592  1.620   -8.767  1.00 58.42  ? 1   DA  C C2    1 
ATOM   339 N N3    . DA  C 1 1 ? 18.022  2.020   -9.893  1.00 64.84  ? 1   DA  C N3    1 
ATOM   340 C C4    . DA  C 1 1 ? 17.816  3.349   -9.874  1.00 64.80  ? 1   DA  C C4    1 
ATOM   341 P P     . DA  C 1 2 ? 14.006  2.385   -14.601 1.00 107.70 ? 2   DA  C P     1 
ATOM   342 O OP1   . DA  C 1 2 ? 13.726  1.635   -15.850 1.00 89.29  ? 2   DA  C OP1   1 
ATOM   343 O OP2   . DA  C 1 2 ? 12.992  3.272   -13.998 1.00 112.39 ? 2   DA  C OP2   1 
ATOM   344 O "O5'" . DA  C 1 2 ? 14.445  1.353   -13.489 1.00 117.05 ? 2   DA  C "O5'" 1 
ATOM   345 C "C5'" . DA  C 1 2 ? 15.695  0.674   -13.601 1.00 114.09 ? 2   DA  C "C5'" 1 
ATOM   346 C "C4'" . DA  C 1 2 ? 15.546  -0.757  -13.143 1.00 108.02 ? 2   DA  C "C4'" 1 
ATOM   347 O "O4'" . DA  C 1 2 ? 15.845  -0.830  -11.743 1.00 107.69 ? 2   DA  C "O4'" 1 
ATOM   348 C "C3'" . DA  C 1 2 ? 14.139  -1.320  -13.269 1.00 104.65 ? 2   DA  C "C3'" 1 
ATOM   349 O "O3'" . DA  C 1 2 ? 14.246  -2.728  -13.429 1.00 106.16 ? 2   DA  C "O3'" 1 
ATOM   350 C "C2'" . DA  C 1 2 ? 13.492  -0.887  -11.966 1.00 87.78  ? 2   DA  C "C2'" 1 
ATOM   351 C "C1'" . DA  C 1 2 ? 14.650  -0.784  -10.982 1.00 83.15  ? 2   DA  C "C1'" 1 
ATOM   352 N N9    . DA  C 1 2 ? 14.693  0.423   -10.165 1.00 68.19  ? 2   DA  C N9    1 
ATOM   353 C C8    . DA  C 1 2 ? 14.208  1.664   -10.471 1.00 67.40  ? 2   DA  C C8    1 
ATOM   354 N N7    . DA  C 1 2 ? 14.412  2.560   -9.530  1.00 66.79  ? 2   DA  C N7    1 
ATOM   355 C C5    . DA  C 1 2 ? 15.092  1.858   -8.551  1.00 57.96  ? 2   DA  C C5    1 
ATOM   356 C C6    . DA  C 1 2 ? 15.597  2.237   -7.299  1.00 59.56  ? 2   DA  C C6    1 
ATOM   357 N N6    . DA  C 1 2 ? 15.505  3.462   -6.781  1.00 63.21  ? 2   DA  C N6    1 
ATOM   358 N N1    . DA  C 1 2 ? 16.214  1.293   -6.562  1.00 61.15  ? 2   DA  C N1    1 
ATOM   359 C C2    . DA  C 1 2 ? 16.317  0.057   -7.061  1.00 55.52  ? 2   DA  C C2    1 
ATOM   360 N N3    . DA  C 1 2 ? 15.883  -0.420  -8.217  1.00 61.63  ? 2   DA  C N3    1 
ATOM   361 C C4    . DA  C 1 2 ? 15.273  0.543   -8.926  1.00 65.47  ? 2   DA  C C4    1 
ATOM   362 P P     . DA  C 1 3 ? 13.068  -3.629  -12.947 1.00 124.60 ? 3   DA  C P     1 
ATOM   363 O OP1   . DA  C 1 3 ? 13.170  -4.922  -13.670 1.00 106.99 ? 3   DA  C OP1   1 
ATOM   364 O OP2   . DA  C 1 3 ? 11.831  -2.815  -12.989 1.00 125.93 ? 3   DA  C OP2   1 
ATOM   365 O "O5'" . DA  C 1 3 ? 13.446  -3.917  -11.433 1.00 128.06 ? 3   DA  C "O5'" 1 
ATOM   366 C "C5'" . DA  C 1 3 ? 14.183  -5.084  -11.096 1.00 106.10 ? 3   DA  C "C5'" 1 
ATOM   367 C "C4'" . DA  C 1 3 ? 14.213  -5.261  -9.599  1.00 95.74  ? 3   DA  C "C4'" 1 
ATOM   368 O "O4'" . DA  C 1 3 ? 14.284  -3.973  -8.950  1.00 82.00  ? 3   DA  C "O4'" 1 
ATOM   369 C "C3'" . DA  C 1 3 ? 12.977  -5.959  -9.037  1.00 92.07  ? 3   DA  C "C3'" 1 
ATOM   370 O "O3'" . DA  C 1 3 ? 13.473  -6.929  -8.126  1.00 102.46 ? 3   DA  C "O3'" 1 
ATOM   371 C "C2'" . DA  C 1 3 ? 12.210  -4.835  -8.351  1.00 93.66  ? 3   DA  C "C2'" 1 
ATOM   372 C "C1'" . DA  C 1 3 ? 13.329  -3.917  -7.907  1.00 77.54  ? 3   DA  C "C1'" 1 
ATOM   373 N N9    . DA  C 1 3 ? 12.968  -2.523  -7.711  1.00 57.47  ? 3   DA  C N9    1 
ATOM   374 C C8    . DA  C 1 3 ? 12.298  -1.694  -8.569  1.00 56.77  ? 3   DA  C C8    1 
ATOM   375 N N7    . DA  C 1 3 ? 12.158  -0.469  -8.124  1.00 57.39  ? 3   DA  C N7    1 
ATOM   376 C C5    . DA  C 1 3 ? 12.790  -0.489  -6.891  1.00 51.19  ? 3   DA  C C5    1 
ATOM   377 C C6    . DA  C 1 3 ? 12.989  0.490   -5.915  1.00 58.24  ? 3   DA  C C6    1 
ATOM   378 N N6    . DA  C 1 3 ? 12.549  1.745   -6.031  1.00 59.36  ? 3   DA  C N6    1 
ATOM   379 N N1    . DA  C 1 3 ? 13.651  0.128   -4.800  1.00 57.19  ? 3   DA  C N1    1 
ATOM   380 C C2    . DA  C 1 3 ? 14.071  -1.117  -4.676  1.00 58.15  ? 3   DA  C C2    1 
ATOM   381 N N3    . DA  C 1 3 ? 13.944  -2.131  -5.519  1.00 54.77  ? 3   DA  C N3    1 
ATOM   382 C C4    . DA  C 1 3 ? 13.293  -1.748  -6.626  1.00 50.61  ? 3   DA  C C4    1 
ATOM   383 P P     . DA  C 1 4 ? 12.484  -7.980  -7.515  1.00 113.28 ? 4   DA  C P     1 
ATOM   384 O OP1   . DA  C 1 4 ? 12.871  -9.303  -8.037  1.00 125.25 ? 4   DA  C OP1   1 
ATOM   385 O OP2   . DA  C 1 4 ? 11.107  -7.486  -7.708  1.00 117.25 ? 4   DA  C OP2   1 
ATOM   386 O "O5'" . DA  C 1 4 ? 12.822  -7.923  -5.963  1.00 100.96 ? 4   DA  C "O5'" 1 
ATOM   387 C "C5'" . DA  C 1 4 ? 13.889  -7.123  -5.471  1.00 80.57  ? 4   DA  C "C5'" 1 
ATOM   388 C "C4'" . DA  C 1 4 ? 13.665  -6.770  -4.023  1.00 87.96  ? 4   DA  C "C4'" 1 
ATOM   389 O "O4'" . DA  C 1 4 ? 13.319  -5.373  -3.911  1.00 83.62  ? 4   DA  C "O4'" 1 
ATOM   390 C "C3'" . DA  C 1 4 ? 12.551  -7.530  -3.304  1.00 95.92  ? 4   DA  C "C3'" 1 
ATOM   391 O "O3'" . DA  C 1 4 ? 12.985  -7.734  -1.960  1.00 109.82 ? 4   DA  C "O3'" 1 
ATOM   392 C "C2'" . DA  C 1 4 ? 11.376  -6.578  -3.392  1.00 82.60  ? 4   DA  C "C2'" 1 
ATOM   393 C "C1'" . DA  C 1 4 ? 12.035  -5.216  -3.339  1.00 74.80  ? 4   DA  C "C1'" 1 
ATOM   394 N N9    . DA  C 1 4 ? 11.344  -4.186  -4.098  1.00 62.84  ? 4   DA  C N9    1 
ATOM   395 C C8    . DA  C 1 4 ? 10.743  -4.321  -5.325  1.00 54.85  ? 4   DA  C C8    1 
ATOM   396 N N7    . DA  C 1 4 ? 10.233  -3.202  -5.785  1.00 60.50  ? 4   DA  C N7    1 
ATOM   397 C C5    . DA  C 1 4 ? 10.528  -2.274  -4.804  1.00 52.08  ? 4   DA  C C5    1 
ATOM   398 C C6    . DA  C 1 4 ? 10.244  -0.908  -4.683  1.00 54.36  ? 4   DA  C C6    1 
ATOM   399 N N6    . DA  C 1 4 ? 9.590   -0.199  -5.600  1.00 66.35  ? 4   DA  C N6    1 
ATOM   400 N N1    . DA  C 1 4 ? 10.681  -0.263  -3.577  1.00 55.35  ? 4   DA  C N1    1 
ATOM   401 C C2    . DA  C 1 4 ? 11.346  -0.968  -2.660  1.00 51.82  ? 4   DA  C C2    1 
ATOM   402 N N3    . DA  C 1 4 ? 11.657  -2.259  -2.650  1.00 56.52  ? 4   DA  C N3    1 
ATOM   403 C C4    . DA  C 1 4 ? 11.212  -2.862  -3.761  1.00 50.26  ? 4   DA  C C4    1 
ATOM   404 P P     . DT  C 1 5 ? 12.084  -8.556  -0.959  1.00 113.58 ? 5   DT  C P     1 
ATOM   405 O OP1   . DT  C 1 5 ? 12.939  -9.592  -0.352  1.00 116.72 ? 5   DT  C OP1   1 
ATOM   406 O OP2   . DT  C 1 5 ? 10.819  -8.929  -1.657  1.00 106.85 ? 5   DT  C OP2   1 
ATOM   407 O "O5'" . DT  C 1 5 ? 11.747  -7.466  0.151   1.00 90.67  ? 5   DT  C "O5'" 1 
ATOM   408 C "C5'" . DT  C 1 5 ? 11.686  -6.111  -0.234  1.00 85.06  ? 5   DT  C "C5'" 1 
ATOM   409 C "C4'" . DT  C 1 5 ? 11.261  -5.255  0.931   1.00 77.47  ? 5   DT  C "C4'" 1 
ATOM   410 O "O4'" . DT  C 1 5 ? 10.704  -4.024  0.418   1.00 75.10  ? 5   DT  C "O4'" 1 
ATOM   411 C "C3'" . DT  C 1 5 ? 10.161  -5.870  1.791   1.00 81.32  ? 5   DT  C "C3'" 1 
ATOM   412 O "O3'" . DT  C 1 5 ? 10.354  -5.348  3.105   1.00 90.98  ? 5   DT  C "O3'" 1 
ATOM   413 C "C2'" . DT  C 1 5 ? 8.898   -5.383  1.113   1.00 76.25  ? 5   DT  C "C2'" 1 
ATOM   414 C "C1'" . DT  C 1 5 ? 9.296   -4.016  0.592   1.00 76.33  ? 5   DT  C "C1'" 1 
ATOM   415 N N1    . DT  C 1 5 ? 8.693   -3.655  -0.695  1.00 62.68  ? 5   DT  C N1    1 
ATOM   416 C C2    . DT  C 1 5 ? 8.438   -2.327  -0.930  1.00 57.94  ? 5   DT  C C2    1 
ATOM   417 O O2    . DT  C 1 5 ? 8.684   -1.448  -0.128  1.00 55.06  ? 5   DT  C O2    1 
ATOM   418 N N3    . DT  C 1 5 ? 7.874   -2.071  -2.146  1.00 53.97  ? 5   DT  C N3    1 
ATOM   419 C C4    . DT  C 1 5 ? 7.542   -2.975  -3.126  1.00 60.18  ? 5   DT  C C4    1 
ATOM   420 O O4    . DT  C 1 5 ? 7.042   -2.587  -4.172  1.00 61.38  ? 5   DT  C O4    1 
ATOM   421 C C5    . DT  C 1 5 ? 7.836   -4.348  -2.813  1.00 53.28  ? 5   DT  C C5    1 
ATOM   422 C C7    . DT  C 1 5 ? 7.507   -5.404  -3.819  1.00 55.65  ? 5   DT  C C7    1 
ATOM   423 C C6    . DT  C 1 5 ? 8.391   -4.619  -1.627  1.00 58.79  ? 5   DT  C C6    1 
ATOM   424 P P     . DT  C 1 6 ? 9.302   -5.659  4.231   1.00 86.67  ? 6   DT  C P     1 
ATOM   425 O OP1   . DT  C 1 6 ? 10.056  -5.990  5.446   1.00 85.49  ? 6   DT  C OP1   1 
ATOM   426 O OP2   . DT  C 1 6 ? 8.290   -6.602  3.693   1.00 71.76  ? 6   DT  C OP2   1 
ATOM   427 O "O5'" . DT  C 1 6 ? 8.706   -4.219  4.513   1.00 71.30  ? 6   DT  C "O5'" 1 
ATOM   428 C "C5'" . DT  C 1 6 ? 9.594   -3.162  4.823   1.00 65.16  ? 6   DT  C "C5'" 1 
ATOM   429 C "C4'" . DT  C 1 6 ? 8.871   -1.841  4.795   1.00 66.85  ? 6   DT  C "C4'" 1 
ATOM   430 O "O4'" . DT  C 1 6 ? 8.264   -1.635  3.499   1.00 73.34  ? 6   DT  C "O4'" 1 
ATOM   431 C "C3'" . DT  C 1 6 ? 7.751   -1.706  5.812   1.00 78.88  ? 6   DT  C "C3'" 1 
ATOM   432 O "O3'" . DT  C 1 6 ? 7.835   -0.374  6.321   1.00 88.37  ? 6   DT  C "O3'" 1 
ATOM   433 C "C2'" . DT  C 1 6 ? 6.500   -1.969  4.987   1.00 84.79  ? 6   DT  C "C2'" 1 
ATOM   434 C "C1'" . DT  C 1 6 ? 6.880   -1.372  3.647   1.00 74.77  ? 6   DT  C "C1'" 1 
ATOM   435 N N1    . DT  C 1 6 ? 6.197   -1.910  2.457   1.00 55.10  ? 6   DT  C N1    1 
ATOM   436 C C2    . DT  C 1 6 ? 5.685   -1.000  1.570   1.00 51.96  ? 6   DT  C C2    1 
ATOM   437 O O2    . DT  C 1 6 ? 5.716   0.198   1.758   1.00 54.46  ? 6   DT  C O2    1 
ATOM   438 N N3    . DT  C 1 6 ? 5.114   -1.546  0.455   1.00 46.12  ? 6   DT  C N3    1 
ATOM   439 C C4    . DT  C 1 6 ? 5.020   -2.884  0.139   1.00 50.43  ? 6   DT  C C4    1 
ATOM   440 O O4    . DT  C 1 6 ? 4.475   -3.218  -0.905  1.00 56.49  ? 6   DT  C O4    1 
ATOM   441 C C5    . DT  C 1 6 ? 5.583   -3.785  1.110   1.00 44.20  ? 6   DT  C C5    1 
ATOM   442 C C7    . DT  C 1 6 ? 5.522   -5.252  0.845   1.00 49.49  ? 6   DT  C C7    1 
ATOM   443 C C6    . DT  C 1 6 ? 6.144   -3.259  2.203   1.00 53.09  ? 6   DT  C C6    1 
ATOM   444 P P     . DT  C 1 7 ? 7.100   -0.024  7.664   1.00 89.56  ? 7   DT  C P     1 
ATOM   445 O OP1   . DT  C 1 7 ? 8.001   0.823   8.448   1.00 86.73  ? 7   DT  C OP1   1 
ATOM   446 O OP2   . DT  C 1 7 ? 6.505   -1.260  8.212   1.00 84.11  ? 7   DT  C OP2   1 
ATOM   447 O "O5'" . DT  C 1 7 ? 5.922   0.921   7.197   1.00 81.92  ? 7   DT  C "O5'" 1 
ATOM   448 C "C5'" . DT  C 1 7 ? 6.230   2.139   6.532   1.00 79.28  ? 7   DT  C "C5'" 1 
ATOM   449 C "C4'" . DT  C 1 7 ? 5.006   2.627   5.807   1.00 75.28  ? 7   DT  C "C4'" 1 
ATOM   450 O "O4'" . DT  C 1 7 ? 4.659   1.676   4.786   1.00 65.98  ? 7   DT  C "O4'" 1 
ATOM   451 C "C3'" . DT  C 1 7 ? 3.766   2.761   6.695   1.00 67.59  ? 7   DT  C "C3'" 1 
ATOM   452 O "O3'" . DT  C 1 7 ? 3.484   4.146   6.764   1.00 68.56  ? 7   DT  C "O3'" 1 
ATOM   453 C "C2'" . DT  C 1 7 ? 2.695   1.958   5.977   1.00 67.25  ? 7   DT  C "C2'" 1 
ATOM   454 C "C1'" . DT  C 1 7 ? 3.270   1.739   4.594   1.00 66.24  ? 7   DT  C "C1'" 1 
ATOM   455 N N1    . DT  C 1 7 ? 2.873   0.509   3.909   1.00 57.56  ? 7   DT  C N1    1 
ATOM   456 C C2    . DT  C 1 7 ? 2.318   0.623   2.661   1.00 54.79  ? 7   DT  C C2    1 
ATOM   457 O O2    . DT  C 1 7 ? 2.114   1.693   2.123   1.00 54.64  ? 7   DT  C O2    1 
ATOM   458 N N3    . DT  C 1 7 ? 2.020   -0.567  2.058   1.00 47.78  ? 7   DT  C N3    1 
ATOM   459 C C4    . DT  C 1 7 ? 2.218   -1.828  2.564   1.00 53.91  ? 7   DT  C C4    1 
ATOM   460 O O4    . DT  C 1 7 ? 1.904   -2.809  1.906   1.00 52.42  ? 7   DT  C O4    1 
ATOM   461 C C5    . DT  C 1 7 ? 2.814   -1.877  3.873   1.00 47.91  ? 7   DT  C C5    1 
ATOM   462 C C7    . DT  C 1 7 ? 3.049   -3.206  4.515   1.00 49.99  ? 7   DT  C C7    1 
ATOM   463 C C6    . DT  C 1 7 ? 3.115   -0.721  4.470   1.00 47.29  ? 7   DT  C C6    1 
ATOM   464 P P     . DT  C 1 8 ? 2.231   4.620   7.518   1.00 75.22  ? 8   DT  C P     1 
ATOM   465 O OP1   . DT  C 1 8 ? 2.498   6.008   7.947   1.00 68.67  ? 8   DT  C OP1   1 
ATOM   466 O OP2   . DT  C 1 8 ? 1.857   3.560   8.482   1.00 56.16  ? 8   DT  C OP2   1 
ATOM   467 O "O5'" . DT  C 1 8 ? 1.160   4.731   6.362   1.00 60.03  ? 8   DT  C "O5'" 1 
ATOM   468 C "C5'" . DT  C 1 8 ? 1.270   5.780   5.410   1.00 64.54  ? 8   DT  C "C5'" 1 
ATOM   469 C "C4'" . DT  C 1 8 ? 0.292   5.556   4.280   1.00 59.66  ? 8   DT  C "C4'" 1 
ATOM   470 O "O4'" . DT  C 1 8 ? 0.472   4.220   3.781   1.00 52.62  ? 8   DT  C "O4'" 1 
ATOM   471 C "C3'" . DT  C 1 8 ? -1.168  5.630   4.698   1.00 53.52  ? 8   DT  C "C3'" 1 
ATOM   472 O "O3'" . DT  C 1 8 ? -1.642  6.944   4.467   1.00 54.58  ? 8   DT  C "O3'" 1 
ATOM   473 C "C2'" . DT  C 1 8 ? -1.843  4.650   3.755   1.00 52.80  ? 8   DT  C "C2'" 1 
ATOM   474 C "C1'" . DT  C 1 8 ? -0.727  3.795   3.179   1.00 48.60  ? 8   DT  C "C1'" 1 
ATOM   475 N N1    . DT  C 1 8 ? -0.852  2.357   3.421   1.00 45.54  ? 8   DT  C N1    1 
ATOM   476 C C2    . DT  C 1 8 ? -1.248  1.553   2.385   1.00 45.01  ? 8   DT  C C2    1 
ATOM   477 O O2    . DT  C 1 8 ? -1.537  1.983   1.284   1.00 45.26  ? 8   DT  C O2    1 
ATOM   478 N N3    . DT  C 1 8 ? -1.310  0.223   2.689   1.00 42.41  ? 8   DT  C N3    1 
ATOM   479 C C4    . DT  C 1 8 ? -1.020  -0.370  3.898   1.00 52.48  ? 8   DT  C C4    1 
ATOM   480 O O4    . DT  C 1 8 ? -1.120  -1.583  4.023   1.00 50.01  ? 8   DT  C O4    1 
ATOM   481 C C5    . DT  C 1 8 ? -0.613  0.532   4.938   1.00 49.38  ? 8   DT  C C5    1 
ATOM   482 C C7    . DT  C 1 8 ? -0.281  -0.023  6.286   1.00 50.98  ? 8   DT  C C7    1 
ATOM   483 C C6    . DT  C 1 8 ? -0.542  1.831   4.650   1.00 52.76  ? 8   DT  C C6    1 
HETATM 484 C C1    . MWB D 2 . ? -13.374 -1.457  -2.338  1.00 43.67  ? 101 MWB A C1    1 
HETATM 485 C C2    . MWB D 2 . ? -11.467 0.416   -3.061  1.00 38.78  ? 101 MWB A C2    1 
HETATM 486 C C3    . MWB D 2 . ? -12.352 -1.129  -1.471  1.00 44.73  ? 101 MWB A C3    1 
HETATM 487 C C4    . MWB D 2 . ? -13.437 -0.835  -3.570  1.00 41.25  ? 101 MWB A C4    1 
HETATM 488 C C5    . MWB D 2 . ? -12.492 0.102   -3.926  1.00 42.37  ? 101 MWB A C5    1 
HETATM 489 C C6    . MWB D 2 . ? -11.405 -0.209  -1.828  1.00 46.16  ? 101 MWB A C6    1 
HETATM 490 C C7    . MWB D 2 . ? -9.540  2.417   -1.546  1.00 39.47  ? 101 MWB A C7    1 
HETATM 491 C C8    . MWB D 2 . ? -7.746  3.627   -3.246  1.00 38.66  ? 101 MWB A C8    1 
HETATM 492 C C9    . MWB D 2 . ? -9.603  2.162   -2.901  1.00 40.51  ? 101 MWB A C9    1 
HETATM 493 C C10   . MWB D 2 . ? -8.589  3.271   -1.047  1.00 46.41  ? 101 MWB A C10   1 
HETATM 494 C C11   . MWB D 2 . ? -7.686  3.892   -1.897  1.00 42.60  ? 101 MWB A C11   1 
HETATM 495 C C12   . MWB D 2 . ? -8.689  2.756   -3.745  1.00 37.01  ? 101 MWB A C12   1 
HETATM 496 N N1    . MWB D 2 . ? -10.595 1.407   -3.541  1.00 43.80  ? 101 MWB A N1    1 
HETATM 497 C C13   . MWB D 2 . ? -5.900  4.783   -0.448  1.00 41.34  ? 101 MWB A C13   1 
HETATM 498 N N2    . MWB D 2 . ? -5.204  5.794   0.047   1.00 42.68  ? 101 MWB A N2    1 
HETATM 499 N N3    . MWB D 2 . ? -5.585  3.642   0.175   1.00 40.75  ? 101 MWB A N3    1 
HETATM 500 C C14   . MWB D 2 . ? -14.726 -2.867  -0.823  1.00 49.63  ? 101 MWB A C14   1 
HETATM 501 N N4    . MWB D 2 . ? -14.805 -2.126  0.268   1.00 45.69  ? 101 MWB A N4    1 
HETATM 502 N N5    . MWB D 2 . ? -15.661 -3.870  -0.744  1.00 48.71  ? 101 MWB A N5    1 
HETATM 503 N N6    . MWB D 2 . ? -14.370 -2.426  -2.112  1.00 48.82  ? 101 MWB A N6    1 
HETATM 504 N N7    . MWB D 2 . ? -6.767  4.877   -1.474  1.00 42.21  ? 101 MWB A N7    1 
HETATM 505 C C15   . MWB D 2 . ? -4.237  5.365   1.033   1.00 43.08  ? 101 MWB A C15   1 
HETATM 506 C C16   . MWB D 2 . ? -4.581  3.883   1.215   1.00 45.69  ? 101 MWB A C16   1 
HETATM 507 C C17   . MWB D 2 . ? -15.532 -2.793  1.341   1.00 50.28  ? 101 MWB A C17   1 
HETATM 508 C C18   . MWB D 2 . ? -16.198 -3.979  0.621   1.00 49.84  ? 101 MWB A C18   1 
HETATM 509 C C1    . MWB E 2 . ? 6.081   4.567   2.987   1.00 60.47  ? 101 MWB B C1    1 
HETATM 510 C C2    . MWB E 2 . ? 3.652   5.634   2.182   1.00 56.45  ? 101 MWB B C2    1 
HETATM 511 C C3    . MWB E 2 . ? 5.140   3.775   2.350   1.00 63.10  ? 101 MWB B C3    1 
HETATM 512 C C4    . MWB E 2 . ? 5.805   5.891   3.216   1.00 57.06  ? 101 MWB B C4    1 
HETATM 513 C C5    . MWB E 2 . ? 4.591   6.427   2.830   1.00 64.40  ? 101 MWB B C5    1 
HETATM 514 C C6    . MWB E 2 . ? 3.932   4.307   1.955   1.00 55.73  ? 101 MWB B C6    1 
HETATM 515 C C7    . MWB E 2 . ? 1.429   4.868   0.070   1.00 53.19  ? 101 MWB B C7    1 
HETATM 516 C C8    . MWB E 2 . ? -0.706  6.607   0.130   1.00 58.39  ? 101 MWB B C8    1 
HETATM 517 C C9    . MWB E 2 . ? 1.469   5.974   0.895   1.00 58.70  ? 101 MWB B C9    1 
HETATM 518 C C10   . MWB E 2 . ? 0.324   4.633   -0.719  1.00 50.49  ? 101 MWB B C10   1 
HETATM 519 C C11   . MWB E 2 . ? -0.743  5.518   -0.707  1.00 52.64  ? 101 MWB B C11   1 
HETATM 520 C C12   . MWB E 2 . ? 0.392   6.842   0.919   1.00 55.77  ? 101 MWB B C12   1 
HETATM 521 N N1    . MWB E 2 . ? 2.516   6.327   1.757   1.00 66.50  ? 101 MWB B N1    1 
HETATM 522 C C13   . MWB E 2 . ? -2.462  4.265   -1.943  1.00 42.85  ? 101 MWB B C13   1 
HETATM 523 N N2    . MWB E 2 . ? -3.375  4.256   -2.899  1.00 43.66  ? 101 MWB B N2    1 
HETATM 524 N N3    . MWB E 2 . ? -2.369  3.044   -1.399  1.00 37.30  ? 101 MWB B N3    1 
HETATM 525 C C14   . MWB E 2 . ? 7.791   2.866   3.034   1.00 63.58  ? 101 MWB B C14   1 
HETATM 526 N N4    . MWB E 2 . ? 7.914   2.573   1.752   1.00 64.48  ? 101 MWB B N4    1 
HETATM 527 N N5    . MWB E 2 . ? 8.845   2.313   3.678   1.00 73.02  ? 101 MWB B N5    1 
HETATM 528 N N6    . MWB E 2 . ? 7.324   4.102   3.450   1.00 61.73  ? 101 MWB B N6    1 
HETATM 529 N N7    . MWB E 2 . ? -1.838  5.435   -1.591  1.00 46.62  ? 101 MWB B N7    1 
HETATM 530 C C15   . MWB E 2 . ? -4.069  2.983   -2.984  1.00 43.00  ? 101 MWB B C15   1 
HETATM 531 C C16   . MWB E 2 . ? -3.264  2.100   -2.041  1.00 38.10  ? 101 MWB B C16   1 
HETATM 532 C C17   . MWB E 2 . ? 8.765   1.379   1.569   1.00 71.65  ? 101 MWB B C17   1 
HETATM 533 C C18   . MWB E 2 . ? 9.608   1.379   2.829   1.00 69.24  ? 101 MWB B C18   1 
HETATM 534 C C1    . MWB F 2 . ? 14.978  -3.932  -0.572  1.00 102.20 ? 101 MWB C C1    1 
HETATM 535 C C2    . MWB F 2 . ? 16.194  -5.061  -2.800  1.00 96.06  ? 101 MWB C C2    1 
HETATM 536 C C3    . MWB F 2 . ? 15.507  -3.125  -1.570  1.00 100.14 ? 101 MWB C C3    1 
HETATM 537 C C4    . MWB F 2 . ? 14.967  -5.297  -0.749  1.00 97.35  ? 101 MWB C C4    1 
HETATM 538 C C5    . MWB F 2 . ? 15.592  -5.866  -1.847  1.00 100.95 ? 101 MWB C C5    1 
HETATM 539 C C6    . MWB F 2 . ? 16.129  -3.681  -2.655  1.00 93.57  ? 101 MWB C C6    1 
HETATM 540 C C7    . MWB F 2 . ? 16.940  -4.156  -5.750  1.00 104.65 ? 101 MWB C C7    1 
HETATM 541 C C8    . MWB F 2 . ? 17.788  -6.279  -7.300  1.00 109.65 ? 101 MWB C C8    1 
HETATM 542 C C9    . MWB F 2 . ? 17.096  -5.407  -5.175  1.00 108.91 ? 101 MWB C C9    1 
HETATM 543 C C10   . MWB F 2 . ? 17.204  -3.965  -7.088  1.00 103.29 ? 101 MWB C C10   1 
HETATM 544 C C11   . MWB F 2 . ? 17.626  -5.029  -7.877  1.00 111.34 ? 101 MWB C C11   1 
HETATM 545 C C12   . MWB F 2 . ? 17.518  -6.464  -5.959  1.00 109.20 ? 101 MWB C C12   1 
HETATM 546 N N1    . MWB F 2 . ? 16.910  -5.711  -3.811  1.00 106.12 ? 101 MWB C N1    1 
HETATM 547 C C13   . MWB F 2 . ? 18.059  -3.714  -9.877  1.00 94.35  ? 101 MWB C C13   1 
HETATM 548 N N2    . MWB F 2 . ? 18.117  -3.503  -11.180 1.00 80.38  ? 101 MWB C N2    1 
HETATM 549 N N3    . MWB F 2 . ? 18.296  -2.511  -9.197  1.00 82.75  ? 101 MWB C N3    1 
HETATM 550 C C14   . MWB F 2 . ? 13.607  -2.366  0.783   1.00 99.59  ? 101 MWB C C14   1 
HETATM 551 N N4    . MWB F 2 . ? 12.584  -2.188  -0.036  1.00 95.29  ? 101 MWB C N4    1 
HETATM 552 N N5    . MWB F 2 . ? 13.260  -1.868  2.012   1.00 93.10  ? 101 MWB C N5    1 
HETATM 553 N N6    . MWB F 2 . ? 14.596  -3.425  0.702   1.00 101.50 ? 101 MWB C N6    1 
HETATM 554 N N7    . MWB F 2 . ? 17.839  -4.932  -9.273  1.00 101.62 ? 101 MWB C N7    1 
HETATM 555 C C15   . MWB F 2 . ? 18.624  -2.162  -11.491 1.00 78.77  ? 101 MWB C C15   1 
HETATM 556 C C16   . MWB F 2 . ? 18.499  -1.427  -10.146 1.00 75.14  ? 101 MWB C C16   1 
HETATM 557 C C17   . MWB F 2 . ? 11.797  -1.033  0.431   1.00 86.60  ? 101 MWB C C17   1 
HETATM 558 C C18   . MWB F 2 . ? 12.057  -1.050  1.926   1.00 86.59  ? 101 MWB C C18   1 
HETATM 559 O O     . HOH G 3 . ? -8.501  -7.663  -0.107  1.00 57.92  ? 201 HOH A O     1 
HETATM 560 O O     . HOH G 3 . ? -14.957 -3.851  -4.316  1.00 60.10  ? 202 HOH A O     1 
HETATM 561 O O     . HOH G 3 . ? -11.544 -7.392  9.205   1.00 58.86  ? 203 HOH A O     1 
HETATM 562 O O     . HOH G 3 . ? -23.708 6.689   4.595   1.00 68.48  ? 204 HOH A O     1 
HETATM 563 O O     . HOH G 3 . ? -14.110 -2.272  13.401  1.00 52.60  ? 205 HOH A O     1 
HETATM 564 O O     . HOH G 3 . ? -15.634 -0.036  12.900  1.00 51.92  ? 206 HOH A O     1 
HETATM 565 O O     . HOH G 3 . ? -7.514  -7.034  -7.297  1.00 67.97  ? 207 HOH A O     1 
HETATM 566 O O     . HOH G 3 . ? -5.874  -8.164  1.499   1.00 64.45  ? 208 HOH A O     1 
HETATM 567 O O     . HOH G 3 . ? -8.219  -3.145  -8.794  1.00 52.11  ? 209 HOH A O     1 
HETATM 568 O O     . HOH G 3 . ? -16.533 3.172   10.028  1.00 57.50  ? 210 HOH A O     1 
HETATM 569 O O     . HOH G 3 . ? -16.379 -6.199  -2.249  1.00 68.81  ? 211 HOH A O     1 
HETATM 570 O O     . HOH G 3 . ? -21.726 8.376   7.606   1.00 69.41  ? 212 HOH A O     1 
HETATM 571 O O     . HOH G 3 . ? -5.055  8.139   -1.050  1.00 54.51  ? 213 HOH A O     1 
HETATM 572 O O     . HOH G 3 . ? -18.701 -7.380  12.631  1.00 53.54  ? 214 HOH A O     1 
HETATM 573 O O     . HOH G 3 . ? -17.093 4.597   12.324  1.00 51.24  ? 215 HOH A O     1 
HETATM 574 O O     . HOH G 3 . ? -19.330 6.213   11.438  1.00 55.43  ? 216 HOH A O     1 
HETATM 575 O O     . HOH G 3 . ? -19.730 5.839   7.073   1.00 73.30  ? 217 HOH A O     1 
HETATM 576 O O     . HOH G 3 . ? -12.620 -4.746  10.256  1.00 50.40  ? 218 HOH A O     1 
HETATM 577 O O     . HOH G 3 . ? -10.336 -7.924  5.222   1.00 52.42  ? 219 HOH A O     1 
HETATM 578 O O     . HOH G 3 . ? -6.312  2.619   -6.771  0.50 41.11  ? 220 HOH A O     1 
HETATM 579 O O     . HOH G 3 . ? -8.341  -6.950  6.550   1.00 51.47  ? 221 HOH A O     1 
HETATM 580 O O     . HOH G 3 . ? -4.761  -5.715  2.479   1.00 51.11  ? 222 HOH A O     1 
HETATM 581 O O     . HOH G 3 . ? -28.127 4.576   1.329   1.00 61.02  ? 223 HOH A O     1 
HETATM 582 O O     . HOH G 3 . ? -7.133  -5.166  -9.617  1.00 61.44  ? 224 HOH A O     1 
HETATM 583 O O     . HOH G 3 . ? -29.453 3.834   -1.674  1.00 71.25  ? 225 HOH A O     1 
HETATM 584 O O     . HOH G 3 . ? -9.836  -9.341  2.934   1.00 64.55  ? 226 HOH A O     1 
HETATM 585 O O     . HOH G 3 . ? -4.867  -6.096  5.068   1.00 60.73  ? 227 HOH A O     1 
HETATM 586 O O     . HOH G 3 . ? -10.791 -3.015  10.355  1.00 57.83  ? 228 HOH A O     1 
HETATM 587 O O     . HOH G 3 . ? -10.435 -1.065  8.547   1.00 62.91  ? 229 HOH A O     1 
HETATM 588 O O     . HOH G 3 . ? -16.580 4.945   7.702   1.00 58.93  ? 230 HOH A O     1 
HETATM 589 O O     . HOH G 3 . ? -13.554 -11.207 2.625   1.00 74.57  ? 231 HOH A O     1 
HETATM 590 O O     . HOH G 3 . ? -7.216  -4.517  6.061   1.00 53.93  ? 232 HOH A O     1 
HETATM 591 O O     . HOH G 3 . ? -24.200 5.073   2.712   1.00 59.40  ? 233 HOH A O     1 
HETATM 592 O O     . HOH G 3 . ? -16.533 -1.997  -6.292  1.00 66.97  ? 234 HOH A O     1 
HETATM 593 O O     . HOH H 3 . ? -6.520  -1.442  -8.299  1.00 40.51  ? 201 HOH B O     1 
HETATM 594 O O     . HOH H 3 . ? -2.654  7.606   -2.825  1.00 49.47  ? 202 HOH B O     1 
HETATM 595 O O     . HOH H 3 . ? 0.532   -2.546  -7.861  1.00 59.83  ? 203 HOH B O     1 
HETATM 596 O O     . HOH H 3 . ? -0.992  -5.838  -8.447  1.00 61.70  ? 204 HOH B O     1 
HETATM 597 O O     . HOH H 3 . ? -1.514  -7.214  0.407   1.00 61.56  ? 205 HOH B O     1 
HETATM 598 O O     . HOH H 3 . ? 17.034  6.287   -2.824  1.00 67.84  ? 206 HOH B O     1 
HETATM 599 O O     . HOH H 3 . ? -2.833  -7.903  -6.531  1.00 74.15  ? 207 HOH B O     1 
HETATM 600 O O     . HOH H 3 . ? 2.702   8.849   3.076   1.00 65.74  ? 208 HOH B O     1 
HETATM 601 O O     . HOH H 3 . ? 1.486   2.496   -8.566  1.00 56.21  ? 209 HOH B O     1 
HETATM 602 O O     . HOH H 3 . ? 7.124   6.205   -7.719  1.00 84.01  ? 210 HOH B O     1 
HETATM 603 O O     . HOH H 3 . ? 1.472   -5.594  -2.004  1.00 69.55  ? 211 HOH B O     1 
HETATM 604 O O     . HOH H 3 . ? 3.361   4.470   -8.345  1.00 65.50  ? 212 HOH B O     1 
HETATM 605 O O     . HOH H 3 . ? 3.564   0.935   -8.793  1.00 64.64  ? 213 HOH B O     1 
HETATM 606 O O     . HOH H 3 . ? -4.790  4.577   -6.185  0.50 42.88  ? 214 HOH B O     1 
HETATM 607 O O     . HOH H 3 . ? 6.084   6.892   -5.548  1.00 71.02  ? 215 HOH B O     1 
HETATM 608 O O     . HOH H 3 . ? 4.897   2.232   -10.939 1.00 67.22  ? 216 HOH B O     1 
HETATM 609 O O     . HOH H 3 . ? 2.286   -4.963  -8.632  1.00 73.38  ? 217 HOH B O     1 
HETATM 610 O O     . HOH H 3 . ? 5.364   3.028   -6.858  1.00 64.22  ? 218 HOH B O     1 
HETATM 611 O O     . HOH H 3 . ? -7.523  -7.691  -2.407  1.00 67.99  ? 219 HOH B O     1 
HETATM 612 O O     . HOH H 3 . ? 22.005  -0.404  1.123   1.00 72.26  ? 220 HOH B O     1 
HETATM 613 O O     . HOH I 3 . ? 2.146   -5.404  2.651   1.00 57.61  ? 201 HOH C O     1 
HETATM 614 O O     . HOH I 3 . ? -0.746  -3.479  5.680   1.00 55.87  ? 202 HOH C O     1 
HETATM 615 O O     . HOH I 3 . ? 1.198   -3.582  7.727   1.00 64.26  ? 203 HOH C O     1 
HETATM 616 O O     . HOH I 3 . ? -2.361  8.429   2.609   1.00 63.98  ? 204 HOH C O     1 
HETATM 617 O O     . HOH I 3 . ? 6.161   2.566   10.566  1.00 80.33  ? 205 HOH C O     1 
HETATM 618 O O     . HOH I 3 . ? 10.733  1.757   -8.856  1.00 73.97  ? 206 HOH C O     1 
HETATM 619 O O     . HOH I 3 . ? 2.820   -0.883  7.777   1.00 66.45  ? 207 HOH C O     1 
HETATM 620 O O     . HOH I 3 . ? 4.094   -5.441  -2.093  1.00 62.52  ? 208 HOH C O     1 
HETATM 621 O O     . HOH I 3 . ? 17.431  7.734   -7.882  1.00 75.91  ? 209 HOH C O     1 
HETATM 622 O O     . HOH I 3 . ? 1.969   1.065   9.122   1.00 71.98  ? 210 HOH C O     1 
# 
